data_8G95
#
_entry.id   8G95
#
_cell.length_a   64.363
_cell.length_b   94.104
_cell.length_c   152.947
_cell.angle_alpha   90.000
_cell.angle_beta   90.000
_cell.angle_gamma   90.000
#
_symmetry.space_group_name_H-M   'P 21 21 21'
#
loop_
_entity.id
_entity.type
_entity.pdbx_description
1 polymer 'Dimodular nonribosomal peptide synthase'
2 non-polymer 1,2-ETHANEDIOL
3 non-polymer 'CACODYLATE ION'
4 water water
#
_entity_poly.entity_id   1
_entity_poly.type   'polypeptide(L)'
_entity_poly.pdbx_seq_one_letter_code
;GHMNQFVTNTKNVIRGKYHPEFLQNEVLADIFAHTAQTLPDKTALIEADKTLSYGELYQQALIMAQHLALKGVKPGHIVG
LWLPRGIELLKAQLAICLSGAAWLPFDMDTPADRIAVCLEDAEAVGMITTDEWYEHLAEVPQTKWTNTELQKPLSESVSL
AKTTPDQPAYIIYTSGSTGKPKGIVITQKNICHFLRSENSILGIQEQDKVYQGFSVAFDMSFEEIWLSYLVGATLWIAPK
SLVSDPERLCQTLKQEQITVLHAVPTLLALFPEDVPNLRIINLGGEMCPDSLVDRWALPHHQMFNTYGPTETTVSASLEL
LERGKPVTIGKPLPNYGMLVINSERELLEQGETGELCIFGPSVAQGYLGRPDLTADKFIENPWAMSVEEELLYRTGDLAK
IDEFGQVHCLGRAD
;
_entity_poly.pdbx_strand_id   A,B
#
# COMPACT_ATOMS: atom_id res chain seq x y z
N ASN A 9 -15.86 22.94 -0.26
CA ASN A 9 -14.73 23.01 0.65
C ASN A 9 -15.20 23.02 2.11
N THR A 10 -14.42 22.38 2.98
CA THR A 10 -14.79 22.26 4.38
C THR A 10 -13.55 22.18 5.25
N LYS A 11 -13.55 22.96 6.35
CA LYS A 11 -12.53 22.88 7.38
C LYS A 11 -13.04 22.15 8.62
N ASN A 12 -14.15 21.41 8.48
CA ASN A 12 -14.75 20.67 9.58
C ASN A 12 -14.63 19.17 9.38
N VAL A 13 -13.77 18.73 8.47
CA VAL A 13 -13.46 17.30 8.28
C VAL A 13 -11.95 17.18 8.14
N ILE A 14 -11.32 16.50 9.09
CA ILE A 14 -9.87 16.39 9.15
C ILE A 14 -9.48 14.97 8.73
N ARG A 15 -8.57 14.88 7.77
CA ARG A 15 -8.14 13.61 7.22
C ARG A 15 -6.65 13.42 7.46
N GLY A 16 -6.26 12.17 7.70
CA GLY A 16 -4.86 11.82 7.66
C GLY A 16 -4.34 11.93 6.24
N LYS A 17 -3.06 11.65 6.07
CA LYS A 17 -2.45 11.71 4.75
C LYS A 17 -3.07 10.67 3.83
N TYR A 18 -2.99 10.93 2.54
CA TYR A 18 -3.60 10.11 1.50
C TYR A 18 -2.57 9.10 1.00
N HIS A 19 -2.72 7.85 1.43
CA HIS A 19 -1.81 6.76 1.06
C HIS A 19 -2.63 5.54 0.65
N PRO A 20 -3.16 5.52 -0.57
CA PRO A 20 -3.94 4.36 -1.00
C PRO A 20 -3.12 3.09 -1.11
N GLU A 21 -1.80 3.20 -1.24
CA GLU A 21 -0.95 2.02 -1.32
C GLU A 21 -0.94 1.21 -0.03
N PHE A 22 -1.38 1.79 1.09
CA PHE A 22 -1.44 1.04 2.34
C PHE A 22 -2.60 0.05 2.36
N LEU A 23 -3.54 0.14 1.41
CA LEU A 23 -4.62 -0.82 1.28
C LEU A 23 -4.22 -1.82 0.21
N GLN A 24 -3.75 -2.99 0.64
CA GLN A 24 -3.34 -4.05 -0.25
C GLN A 24 -4.25 -5.25 -0.07
N ASN A 25 -4.22 -6.14 -1.07
CA ASN A 25 -5.01 -7.36 -1.04
C ASN A 25 -4.24 -8.40 -0.24
N GLU A 26 -4.28 -8.24 1.09
CA GLU A 26 -3.41 -9.00 1.97
C GLU A 26 -4.13 -9.39 3.26
N VAL A 27 -3.55 -10.33 3.97
CA VAL A 27 -3.96 -10.73 5.30
C VAL A 27 -2.71 -10.84 6.17
N LEU A 28 -2.92 -10.91 7.49
CA LEU A 28 -1.80 -10.92 8.43
C LEU A 28 -0.81 -12.03 8.12
N ALA A 29 -1.32 -13.20 7.74
CA ALA A 29 -0.45 -14.32 7.40
C ALA A 29 0.53 -13.92 6.30
N ASP A 30 0.08 -13.13 5.32
CA ASP A 30 0.97 -12.72 4.25
C ASP A 30 2.10 -11.86 4.79
N ILE A 31 1.78 -10.90 5.65
CA ILE A 31 2.81 -10.03 6.22
C ILE A 31 3.86 -10.86 6.96
N PHE A 32 3.39 -11.76 7.85
CA PHE A 32 4.38 -12.53 8.60
C PHE A 32 5.16 -13.47 7.72
N ALA A 33 4.50 -14.14 6.76
CA ALA A 33 5.20 -15.08 5.90
C ALA A 33 6.26 -14.36 5.09
N HIS A 34 5.95 -13.15 4.61
CA HIS A 34 6.94 -12.37 3.90
C HIS A 34 8.15 -12.10 4.78
N THR A 35 7.91 -11.61 6.00
CA THR A 35 9.05 -11.32 6.89
C THR A 35 9.86 -12.58 7.17
N ALA A 36 9.20 -13.71 7.39
CA ALA A 36 9.89 -14.93 7.78
C ALA A 36 10.70 -15.49 6.61
N GLN A 37 10.15 -15.43 5.39
CA GLN A 37 10.87 -15.91 4.22
C GLN A 37 11.98 -14.96 3.80
N THR A 38 11.89 -13.68 4.19
CA THR A 38 12.92 -12.71 3.82
C THR A 38 14.06 -12.64 4.84
N LEU A 39 13.78 -12.89 6.10
CA LEU A 39 14.79 -12.82 7.17
C LEU A 39 14.72 -14.09 8.02
N PRO A 40 14.98 -15.26 7.42
CA PRO A 40 14.79 -16.51 8.18
C PRO A 40 15.70 -16.62 9.38
N ASP A 41 16.90 -16.06 9.31
CA ASP A 41 17.91 -16.26 10.34
C ASP A 41 17.97 -15.11 11.35
N LYS A 42 17.12 -14.10 11.23
CA LYS A 42 17.12 -13.02 12.19
C LYS A 42 16.31 -13.40 13.42
N THR A 43 16.80 -12.99 14.59
CA THR A 43 16.11 -13.26 15.84
C THR A 43 14.78 -12.50 15.87
N ALA A 44 13.68 -13.23 16.05
CA ALA A 44 12.36 -12.64 16.17
C ALA A 44 11.93 -12.43 17.62
N LEU A 45 12.16 -13.42 18.47
CA LEU A 45 11.68 -13.39 19.85
C LEU A 45 12.83 -13.66 20.81
N ILE A 46 12.80 -13.00 21.96
CA ILE A 46 13.71 -13.26 23.06
C ILE A 46 12.88 -13.40 24.33
N GLU A 47 13.09 -14.50 25.05
CA GLU A 47 12.49 -14.71 26.37
C GLU A 47 13.60 -15.12 27.32
N ALA A 48 14.00 -14.20 28.20
CA ALA A 48 15.12 -14.43 29.10
C ALA A 48 16.38 -14.71 28.27
N ASP A 49 16.92 -15.93 28.37
CA ASP A 49 18.11 -16.32 27.63
C ASP A 49 17.77 -17.26 26.47
N LYS A 50 16.51 -17.32 26.10
CA LYS A 50 16.03 -18.18 25.02
C LYS A 50 15.71 -17.33 23.80
N THR A 51 16.14 -17.79 22.62
CA THR A 51 15.96 -17.05 21.38
C THR A 51 15.30 -17.93 20.33
N LEU A 52 14.56 -17.29 19.43
CA LEU A 52 13.90 -17.96 18.32
C LEU A 52 14.00 -17.08 17.10
N SER A 53 14.37 -17.66 15.96
CA SER A 53 14.48 -16.89 14.72
C SER A 53 13.13 -16.83 14.01
N TYR A 54 13.04 -15.94 13.02
CA TYR A 54 11.81 -15.81 12.26
C TYR A 54 11.48 -17.09 11.50
N GLY A 55 12.49 -17.72 10.89
CA GLY A 55 12.25 -18.96 10.18
C GLY A 55 11.79 -20.08 11.11
N GLU A 56 12.47 -20.22 12.25
CA GLU A 56 12.09 -21.23 13.24
C GLU A 56 10.66 -20.99 13.74
N LEU A 57 10.36 -19.76 14.13
CA LEU A 57 9.02 -19.42 14.57
C LEU A 57 7.99 -19.73 13.49
N TYR A 58 8.31 -19.40 12.24
CA TYR A 58 7.38 -19.65 11.14
C TYR A 58 7.10 -21.14 11.02
N GLN A 59 8.15 -21.98 11.00
CA GLN A 59 7.94 -23.40 10.79
C GLN A 59 7.18 -24.04 11.96
N GLN A 60 7.51 -23.64 13.18
CA GLN A 60 6.82 -24.20 14.34
C GLN A 60 5.35 -23.78 14.35
N ALA A 61 5.08 -22.50 14.12
CA ALA A 61 3.70 -22.05 14.06
C ALA A 61 2.96 -22.70 12.90
N LEU A 62 3.66 -23.02 11.81
CA LEU A 62 3.01 -23.71 10.69
C LEU A 62 2.60 -25.12 11.08
N ILE A 63 3.48 -25.84 11.79
CA ILE A 63 3.11 -27.17 12.27
C ILE A 63 1.88 -27.07 13.17
N MET A 64 1.86 -26.08 14.06
CA MET A 64 0.70 -25.90 14.94
C MET A 64 -0.55 -25.59 14.12
N ALA A 65 -0.42 -24.78 13.08
CA ALA A 65 -1.56 -24.43 12.23
C ALA A 65 -2.09 -25.66 11.51
N GLN A 66 -1.20 -26.52 11.04
CA GLN A 66 -1.65 -27.75 10.37
C GLN A 66 -2.38 -28.66 11.35
N HIS A 67 -1.90 -28.74 12.58
CA HIS A 67 -2.63 -29.48 13.60
C HIS A 67 -4.01 -28.86 13.82
N LEU A 68 -4.09 -27.53 13.85
CA LEU A 68 -5.39 -26.87 13.99
C LEU A 68 -6.32 -27.25 12.84
N ALA A 69 -5.81 -27.22 11.61
CA ALA A 69 -6.62 -27.57 10.45
C ALA A 69 -7.13 -29.01 10.55
N LEU A 70 -6.28 -29.93 11.00
CA LEU A 70 -6.74 -31.31 11.16
C LEU A 70 -7.90 -31.41 12.14
N LYS A 71 -7.92 -30.54 13.16
CA LYS A 71 -9.00 -30.55 14.15
C LYS A 71 -10.23 -29.79 13.69
N GLY A 72 -10.23 -29.23 12.47
CA GLY A 72 -11.40 -28.59 11.91
C GLY A 72 -11.35 -27.08 11.84
N VAL A 73 -10.27 -26.45 12.28
CA VAL A 73 -10.17 -24.98 12.20
C VAL A 73 -10.01 -24.56 10.74
N LYS A 74 -10.78 -23.56 10.34
CA LYS A 74 -10.78 -23.07 8.97
C LYS A 74 -10.91 -21.56 8.98
N PRO A 75 -10.61 -20.90 7.86
CA PRO A 75 -10.76 -19.44 7.82
C PRO A 75 -12.13 -19.01 8.32
N GLY A 76 -12.16 -17.92 9.08
CA GLY A 76 -13.37 -17.40 9.65
C GLY A 76 -13.70 -17.91 11.04
N HIS A 77 -13.07 -18.99 11.48
CA HIS A 77 -13.32 -19.50 12.82
C HIS A 77 -12.59 -18.65 13.86
N ILE A 78 -13.05 -18.77 15.10
CA ILE A 78 -12.50 -18.02 16.22
C ILE A 78 -11.94 -19.02 17.22
N VAL A 79 -10.69 -18.81 17.62
CA VAL A 79 -9.99 -19.72 18.52
C VAL A 79 -9.48 -18.91 19.71
N GLY A 80 -9.79 -19.37 20.93
CA GLY A 80 -9.32 -18.68 22.11
C GLY A 80 -7.83 -18.83 22.30
N LEU A 81 -7.26 -17.89 23.06
CA LEU A 81 -5.83 -17.87 23.33
C LEU A 81 -5.61 -17.48 24.79
N TRP A 82 -5.05 -18.41 25.58
CA TRP A 82 -4.82 -18.17 27.01
C TRP A 82 -3.56 -18.91 27.41
N LEU A 83 -2.44 -18.21 27.41
CA LEU A 83 -1.16 -18.75 27.82
C LEU A 83 -0.39 -17.71 28.62
N PRO A 84 0.64 -18.12 29.34
CA PRO A 84 1.49 -17.14 30.04
C PRO A 84 2.32 -16.33 29.06
N ARG A 85 2.70 -15.14 29.50
CA ARG A 85 3.65 -14.32 28.73
C ARG A 85 4.86 -15.16 28.35
N GLY A 86 5.34 -14.99 27.13
CA GLY A 86 6.52 -15.68 26.69
C GLY A 86 6.41 -16.06 25.22
N ILE A 87 7.31 -16.96 24.81
CA ILE A 87 7.41 -17.33 23.41
C ILE A 87 6.23 -18.19 22.98
N GLU A 88 5.77 -19.09 23.85
CA GLU A 88 4.68 -19.99 23.47
C GLU A 88 3.39 -19.22 23.20
N LEU A 89 3.15 -18.14 23.96
CA LEU A 89 1.96 -17.33 23.73
C LEU A 89 1.96 -16.71 22.34
N LEU A 90 3.07 -16.08 21.95
CA LEU A 90 3.15 -15.47 20.63
C LEU A 90 3.13 -16.53 19.54
N LYS A 91 3.79 -17.67 19.76
CA LYS A 91 3.77 -18.73 18.77
C LYS A 91 2.35 -19.26 18.57
N ALA A 92 1.58 -19.38 19.65
CA ALA A 92 0.20 -19.85 19.52
C ALA A 92 -0.67 -18.82 18.82
N GLN A 93 -0.50 -17.54 19.13
CA GLN A 93 -1.19 -16.49 18.39
C GLN A 93 -0.91 -16.62 16.89
N LEU A 94 0.37 -16.77 16.55
CA LEU A 94 0.74 -16.89 15.14
C LEU A 94 0.19 -18.17 14.52
N ALA A 95 0.15 -19.26 15.30
CA ALA A 95 -0.41 -20.51 14.80
C ALA A 95 -1.88 -20.34 14.44
N ILE A 96 -2.64 -19.70 15.32
CA ILE A 96 -4.04 -19.41 14.99
C ILE A 96 -4.10 -18.58 13.71
N CYS A 97 -3.24 -17.57 13.60
CA CYS A 97 -3.27 -16.70 12.43
C CYS A 97 -3.01 -17.47 11.14
N LEU A 98 -1.98 -18.32 11.13
CA LEU A 98 -1.59 -19.03 9.92
C LEU A 98 -2.61 -20.07 9.49
N SER A 99 -3.43 -20.57 10.42
CA SER A 99 -4.50 -21.49 10.03
C SER A 99 -5.63 -20.79 9.30
N GLY A 100 -5.60 -19.46 9.22
CA GLY A 100 -6.66 -18.70 8.60
C GLY A 100 -7.73 -18.20 9.55
N ALA A 101 -7.70 -18.62 10.81
CA ALA A 101 -8.71 -18.22 11.77
C ALA A 101 -8.30 -16.94 12.50
N ALA A 102 -9.25 -16.42 13.29
CA ALA A 102 -9.01 -15.26 14.14
C ALA A 102 -8.88 -15.74 15.58
N TRP A 103 -8.09 -15.01 16.36
CA TRP A 103 -7.84 -15.40 17.74
C TRP A 103 -8.55 -14.46 18.70
N LEU A 104 -8.98 -15.03 19.82
CA LEU A 104 -9.64 -14.31 20.90
C LEU A 104 -8.67 -14.26 22.07
N PRO A 105 -7.99 -13.13 22.31
CA PRO A 105 -6.94 -13.12 23.34
C PRO A 105 -7.53 -12.90 24.73
N PHE A 106 -7.02 -13.69 25.67
CA PHE A 106 -7.43 -13.63 27.07
C PHE A 106 -6.23 -13.20 27.90
N ASP A 107 -6.44 -12.20 28.76
CA ASP A 107 -5.38 -11.80 29.67
C ASP A 107 -5.05 -12.96 30.62
N MET A 108 -3.82 -12.94 31.13
CA MET A 108 -3.36 -14.02 31.98
C MET A 108 -4.23 -14.17 33.22
N ASP A 109 -4.77 -13.05 33.74
CA ASP A 109 -5.55 -13.05 34.97
C ASP A 109 -7.04 -13.16 34.72
N THR A 110 -7.45 -13.64 33.55
CA THR A 110 -8.88 -13.78 33.26
C THR A 110 -9.45 -14.98 34.01
N PRO A 111 -10.54 -14.81 34.76
CA PRO A 111 -11.14 -15.97 35.43
C PRO A 111 -11.80 -16.90 34.44
N ALA A 112 -11.89 -18.17 34.81
CA ALA A 112 -12.36 -19.21 33.89
C ALA A 112 -13.80 -18.95 33.45
N ASP A 113 -14.67 -18.49 34.37
CA ASP A 113 -16.05 -18.20 33.99
C ASP A 113 -16.11 -17.13 32.91
N ARG A 114 -15.21 -16.14 32.97
CA ARG A 114 -15.20 -15.11 31.95
C ARG A 114 -14.74 -15.67 30.61
N ILE A 115 -13.74 -16.56 30.63
CA ILE A 115 -13.33 -17.25 29.41
C ILE A 115 -14.52 -18.00 28.82
N ALA A 116 -15.27 -18.70 29.66
CA ALA A 116 -16.41 -19.47 29.18
C ALA A 116 -17.42 -18.57 28.49
N VAL A 117 -17.79 -17.47 29.15
CA VAL A 117 -18.82 -16.60 28.57
C VAL A 117 -18.32 -15.95 27.29
N CYS A 118 -17.03 -15.61 27.23
CA CYS A 118 -16.50 -15.00 26.02
C CYS A 118 -16.46 -15.99 24.85
N LEU A 119 -16.02 -17.22 25.11
CA LEU A 119 -16.00 -18.23 24.06
C LEU A 119 -17.41 -18.54 23.57
N GLU A 120 -18.36 -18.66 24.50
CA GLU A 120 -19.74 -18.89 24.10
C GLU A 120 -20.28 -17.76 23.25
N ASP A 121 -20.05 -16.51 23.69
CA ASP A 121 -20.58 -15.36 22.95
C ASP A 121 -20.00 -15.29 21.54
N ALA A 122 -18.72 -15.61 21.39
CA ALA A 122 -18.08 -15.55 20.08
C ALA A 122 -18.30 -16.81 19.25
N GLU A 123 -18.97 -17.82 19.79
CA GLU A 123 -19.15 -19.09 19.08
C GLU A 123 -17.82 -19.68 18.65
N ALA A 124 -16.82 -19.56 19.52
CA ALA A 124 -15.49 -20.06 19.21
C ALA A 124 -15.49 -21.58 19.06
N VAL A 125 -14.68 -22.08 18.13
CA VAL A 125 -14.55 -23.51 17.93
C VAL A 125 -13.62 -24.15 18.95
N GLY A 126 -12.81 -23.35 19.65
CA GLY A 126 -11.91 -23.90 20.65
C GLY A 126 -10.99 -22.82 21.17
N MET A 127 -9.98 -23.26 21.92
CA MET A 127 -8.97 -22.35 22.44
C MET A 127 -7.68 -23.12 22.65
N ILE A 128 -6.57 -22.38 22.71
CA ILE A 128 -5.26 -22.94 22.97
C ILE A 128 -4.79 -22.48 24.34
N THR A 129 -4.20 -23.41 25.10
CA THR A 129 -3.64 -23.11 26.41
C THR A 129 -2.45 -24.04 26.63
N THR A 130 -1.99 -24.14 27.87
CA THR A 130 -0.87 -25.01 28.24
C THR A 130 -1.39 -26.19 29.05
N ASP A 131 -0.51 -27.19 29.22
CA ASP A 131 -0.86 -28.34 30.04
C ASP A 131 -1.15 -27.92 31.46
N GLU A 132 -0.30 -27.06 32.03
CA GLU A 132 -0.49 -26.62 33.41
C GLU A 132 -1.84 -25.92 33.57
N TRP A 133 -2.13 -24.95 32.71
CA TRP A 133 -3.36 -24.17 32.82
C TRP A 133 -4.59 -24.93 32.37
N TYR A 134 -4.43 -26.04 31.64
CA TYR A 134 -5.58 -26.81 31.18
C TYR A 134 -6.47 -27.21 32.35
N GLU A 135 -5.87 -27.53 33.50
CA GLU A 135 -6.65 -28.04 34.63
C GLU A 135 -7.61 -26.98 35.17
N HIS A 136 -7.29 -25.71 35.02
CA HIS A 136 -8.12 -24.64 35.56
C HIS A 136 -9.39 -24.39 34.74
N LEU A 137 -9.64 -25.15 33.69
CA LEU A 137 -10.77 -24.88 32.80
C LEU A 137 -11.78 -26.02 32.80
N ALA A 138 -12.17 -26.49 33.99
CA ALA A 138 -13.19 -27.52 34.06
C ALA A 138 -14.55 -26.99 33.60
N GLU A 139 -14.86 -25.74 33.95
CA GLU A 139 -16.16 -25.16 33.67
C GLU A 139 -16.33 -24.69 32.23
N VAL A 140 -15.28 -24.73 31.41
CA VAL A 140 -15.34 -24.28 30.03
C VAL A 140 -15.77 -25.48 29.17
N PRO A 141 -16.92 -25.42 28.49
CA PRO A 141 -17.37 -26.56 27.67
C PRO A 141 -16.60 -26.71 26.37
N GLN A 142 -16.20 -25.60 25.75
CA GLN A 142 -15.62 -25.65 24.42
C GLN A 142 -14.37 -26.53 24.41
N THR A 143 -13.98 -26.94 23.20
CA THR A 143 -12.78 -27.75 23.03
C THR A 143 -11.54 -26.94 23.42
N LYS A 144 -10.58 -27.61 24.04
CA LYS A 144 -9.35 -26.98 24.49
C LYS A 144 -8.17 -27.80 24.02
N TRP A 145 -7.25 -27.16 23.32
CA TRP A 145 -6.02 -27.78 22.86
C TRP A 145 -4.85 -27.19 23.62
N THR A 146 -3.82 -28.01 23.83
CA THR A 146 -2.59 -27.55 24.44
C THR A 146 -1.57 -27.22 23.35
N ASN A 147 -0.73 -26.23 23.61
CA ASN A 147 0.35 -25.92 22.68
C ASN A 147 1.24 -27.13 22.46
N THR A 148 1.38 -28.00 23.47
CA THR A 148 2.23 -29.17 23.35
C THR A 148 1.68 -30.16 22.32
N GLU A 149 0.38 -30.46 22.41
CA GLU A 149 -0.20 -31.45 21.51
C GLU A 149 -0.26 -30.93 20.07
N LEU A 150 -0.34 -29.61 19.91
CA LEU A 150 -0.32 -29.01 18.58
C LEU A 150 1.08 -28.94 17.98
N GLN A 151 2.11 -29.32 18.74
CA GLN A 151 3.49 -29.26 18.27
C GLN A 151 4.07 -30.64 17.98
N LYS A 152 3.27 -31.70 18.08
CA LYS A 152 3.78 -33.03 17.81
C LYS A 152 4.11 -33.17 16.32
N PRO A 153 5.07 -34.03 15.98
CA PRO A 153 5.38 -34.24 14.56
C PRO A 153 4.17 -34.70 13.76
N LEU A 154 4.13 -34.28 12.51
CA LEU A 154 3.08 -34.66 11.57
C LEU A 154 3.62 -35.72 10.62
N SER A 155 2.73 -36.65 10.21
CA SER A 155 3.13 -37.68 9.26
C SER A 155 3.04 -37.21 7.81
N GLU A 156 2.21 -36.20 7.53
CA GLU A 156 2.06 -35.70 6.17
C GLU A 156 1.59 -34.25 6.24
N SER A 157 1.96 -33.49 5.21
CA SER A 157 1.69 -32.05 5.20
C SER A 157 0.21 -31.77 4.93
N VAL A 158 -0.34 -30.85 5.72
CA VAL A 158 -1.73 -30.42 5.61
C VAL A 158 -1.77 -29.08 4.89
N SER A 159 -2.59 -28.99 3.85
CA SER A 159 -2.76 -27.73 3.13
C SER A 159 -3.68 -26.80 3.91
N LEU A 160 -3.29 -25.53 4.03
CA LEU A 160 -4.03 -24.55 4.80
C LEU A 160 -4.80 -23.64 3.85
N ALA A 161 -6.12 -23.61 4.00
CA ALA A 161 -6.94 -22.71 3.21
C ALA A 161 -6.64 -21.26 3.57
N LYS A 162 -6.64 -20.39 2.57
CA LYS A 162 -6.34 -18.98 2.79
C LYS A 162 -7.57 -18.24 3.30
N THR A 163 -7.36 -17.34 4.25
CA THR A 163 -8.41 -16.42 4.64
C THR A 163 -8.37 -15.20 3.71
N THR A 164 -9.35 -14.32 3.86
CA THR A 164 -9.52 -13.19 2.97
C THR A 164 -9.64 -11.90 3.77
N PRO A 165 -9.43 -10.75 3.13
CA PRO A 165 -9.42 -9.48 3.87
C PRO A 165 -10.70 -9.20 4.65
N ASP A 166 -11.86 -9.62 4.14
CA ASP A 166 -13.11 -9.34 4.83
C ASP A 166 -13.33 -10.22 6.05
N GLN A 167 -12.49 -11.22 6.28
CA GLN A 167 -12.69 -12.13 7.40
C GLN A 167 -12.08 -11.57 8.68
N PRO A 168 -12.53 -12.05 9.84
CA PRO A 168 -11.97 -11.54 11.10
C PRO A 168 -10.53 -11.97 11.28
N ALA A 169 -9.73 -11.06 11.86
CA ALA A 169 -8.36 -11.35 12.27
C ALA A 169 -8.26 -11.60 13.76
N TYR A 170 -9.02 -10.87 14.57
CA TYR A 170 -9.07 -11.09 16.01
C TYR A 170 -10.30 -10.38 16.55
N ILE A 171 -10.74 -10.83 17.72
CA ILE A 171 -11.88 -10.25 18.42
C ILE A 171 -11.40 -9.84 19.82
N ILE A 172 -11.60 -8.58 20.17
CA ILE A 172 -11.19 -8.05 21.46
C ILE A 172 -12.40 -8.01 22.38
N TYR A 173 -12.29 -8.69 23.51
CA TYR A 173 -13.23 -8.52 24.61
C TYR A 173 -12.53 -7.72 25.69
N THR A 174 -13.18 -6.68 26.20
CA THR A 174 -12.54 -5.81 27.17
C THR A 174 -12.11 -6.62 28.41
N SER A 175 -10.81 -6.84 28.58
CA SER A 175 -10.32 -7.50 29.77
C SER A 175 -10.74 -6.70 30.99
N GLY A 176 -11.31 -7.39 31.99
CA GLY A 176 -11.73 -6.75 33.22
C GLY A 176 -13.16 -6.27 33.22
N SER A 177 -13.97 -6.69 32.26
CA SER A 177 -15.39 -6.35 32.22
C SER A 177 -16.18 -7.53 32.80
N THR A 178 -17.00 -7.25 33.80
CA THR A 178 -17.90 -8.23 34.38
C THR A 178 -19.31 -8.13 33.83
N GLY A 179 -19.57 -7.15 32.96
CA GLY A 179 -20.86 -6.97 32.34
C GLY A 179 -21.06 -7.91 31.16
N LYS A 180 -22.20 -7.77 30.50
CA LYS A 180 -22.48 -8.58 29.34
C LYS A 180 -21.34 -8.44 28.34
N PRO A 181 -20.94 -9.51 27.65
CA PRO A 181 -19.74 -9.43 26.83
C PRO A 181 -19.99 -8.68 25.52
N LYS A 182 -18.98 -7.92 25.11
CA LYS A 182 -19.06 -7.11 23.90
C LYS A 182 -17.78 -7.37 23.12
N GLY A 183 -17.88 -8.16 22.06
CA GLY A 183 -16.74 -8.49 21.24
C GLY A 183 -16.64 -7.55 20.06
N ILE A 184 -15.46 -6.94 19.90
CA ILE A 184 -15.19 -6.04 18.80
C ILE A 184 -14.49 -6.83 17.70
N VAL A 185 -15.09 -6.87 16.52
CA VAL A 185 -14.60 -7.68 15.41
C VAL A 185 -13.69 -6.80 14.55
N ILE A 186 -12.41 -7.12 14.54
CA ILE A 186 -11.43 -6.46 13.67
C ILE A 186 -11.14 -7.39 12.51
N THR A 187 -11.20 -6.87 11.28
CA THR A 187 -10.97 -7.67 10.10
C THR A 187 -9.49 -7.67 9.71
N GLN A 188 -9.13 -8.64 8.86
CA GLN A 188 -7.78 -8.67 8.31
C GLN A 188 -7.43 -7.35 7.64
N LYS A 189 -8.38 -6.80 6.87
CA LYS A 189 -8.15 -5.52 6.20
C LYS A 189 -7.88 -4.41 7.21
N ASN A 190 -8.71 -4.32 8.25
CA ASN A 190 -8.53 -3.31 9.29
C ASN A 190 -7.10 -3.31 9.81
N ILE A 191 -6.63 -4.47 10.25
CA ILE A 191 -5.35 -4.53 10.97
C ILE A 191 -4.18 -4.39 10.01
N CYS A 192 -4.23 -5.01 8.84
CA CYS A 192 -3.15 -4.84 7.87
C CYS A 192 -3.00 -3.37 7.49
N HIS A 193 -4.11 -2.70 7.20
CA HIS A 193 -4.05 -1.27 6.90
C HIS A 193 -3.47 -0.50 8.06
N PHE A 194 -3.97 -0.76 9.28
CA PHE A 194 -3.47 -0.01 10.43
C PHE A 194 -1.96 -0.15 10.56
N LEU A 195 -1.46 -1.38 10.45
CA LEU A 195 -0.03 -1.61 10.61
C LEU A 195 0.74 -0.73 9.64
N ARG A 196 0.39 -0.79 8.34
CA ARG A 196 1.14 0.02 7.38
C ARG A 196 0.98 1.50 7.67
N SER A 197 -0.24 1.94 8.01
CA SER A 197 -0.51 3.35 8.20
C SER A 197 0.30 3.92 9.36
N GLU A 198 0.22 3.29 10.54
CA GLU A 198 0.93 3.83 11.69
C GLU A 198 2.44 3.70 11.52
N ASN A 199 2.92 2.59 10.93
CA ASN A 199 4.37 2.46 10.80
C ASN A 199 4.94 3.44 9.79
N SER A 200 4.14 3.90 8.82
CA SER A 200 4.64 4.94 7.91
C SER A 200 5.10 6.17 8.67
N ILE A 201 4.59 6.39 9.89
CA ILE A 201 4.98 7.55 10.69
C ILE A 201 5.92 7.16 11.82
N LEU A 202 5.61 6.09 12.55
CA LEU A 202 6.48 5.66 13.65
C LEU A 202 7.85 5.26 13.12
N GLY A 203 7.88 4.46 12.04
CA GLY A 203 9.14 4.08 11.44
C GLY A 203 9.90 3.01 12.19
N ILE A 204 9.21 1.99 12.71
CA ILE A 204 9.92 0.86 13.28
C ILE A 204 10.71 0.18 12.18
N GLN A 205 11.96 -0.16 12.47
CA GLN A 205 12.89 -0.71 11.48
C GLN A 205 13.34 -2.10 11.88
N GLU A 206 13.92 -2.80 10.91
CA GLU A 206 14.41 -4.16 11.12
C GLU A 206 15.50 -4.23 12.18
N GLN A 207 16.30 -3.17 12.31
CA GLN A 207 17.39 -3.18 13.28
C GLN A 207 16.92 -2.95 14.71
N ASP A 208 15.64 -2.60 14.92
CA ASP A 208 15.18 -2.22 16.24
C ASP A 208 15.02 -3.44 17.15
N LYS A 209 15.16 -3.20 18.45
CA LYS A 209 14.90 -4.20 19.49
C LYS A 209 13.75 -3.66 20.33
N VAL A 210 12.61 -4.33 20.26
CA VAL A 210 11.34 -3.79 20.76
C VAL A 210 10.97 -4.49 22.05
N TYR A 211 10.62 -3.70 23.07
CA TYR A 211 10.10 -4.24 24.32
C TYR A 211 8.68 -4.74 24.12
N GLN A 212 8.39 -5.95 24.63
CA GLN A 212 7.08 -6.58 24.49
C GLN A 212 6.53 -6.82 25.89
N GLY A 213 5.85 -5.81 26.44
CA GLY A 213 5.40 -5.86 27.81
C GLY A 213 3.90 -5.87 28.00
N PHE A 214 3.14 -5.72 26.92
CA PHE A 214 1.69 -5.66 27.01
C PHE A 214 1.09 -7.05 26.89
N SER A 215 0.06 -7.32 27.70
CA SER A 215 -0.72 -8.53 27.52
C SER A 215 -1.41 -8.51 26.16
N VAL A 216 -1.54 -9.69 25.56
CA VAL A 216 -2.15 -9.81 24.24
C VAL A 216 -3.62 -9.41 24.24
N ALA A 217 -4.22 -9.19 25.41
CA ALA A 217 -5.61 -8.77 25.47
C ALA A 217 -5.78 -7.28 25.22
N PHE A 218 -4.70 -6.52 25.10
CA PHE A 218 -4.74 -5.08 24.95
C PHE A 218 -4.26 -4.64 23.58
N ASP A 219 -4.87 -3.56 23.07
CA ASP A 219 -4.56 -3.08 21.72
C ASP A 219 -3.06 -2.87 21.52
N MET A 220 -2.40 -2.22 22.48
CA MET A 220 -1.00 -1.82 22.25
C MET A 220 -0.08 -3.02 22.04
N SER A 221 -0.49 -4.22 22.47
CA SER A 221 0.31 -5.41 22.19
C SER A 221 0.58 -5.52 20.68
N PHE A 222 -0.42 -5.23 19.86
CA PHE A 222 -0.22 -5.23 18.42
C PHE A 222 0.92 -4.30 18.03
N GLU A 223 0.87 -3.06 18.52
CA GLU A 223 1.94 -2.12 18.20
C GLU A 223 3.30 -2.69 18.58
N GLU A 224 3.36 -3.43 19.69
CA GLU A 224 4.60 -4.08 20.07
C GLU A 224 4.91 -5.22 19.11
N ILE A 225 3.95 -6.10 18.88
CA ILE A 225 4.24 -7.36 18.19
C ILE A 225 4.23 -7.17 16.69
N TRP A 226 3.07 -6.79 16.14
CA TRP A 226 2.89 -6.94 14.71
C TRP A 226 3.61 -5.88 13.91
N LEU A 227 3.65 -4.63 14.40
CA LEU A 227 4.55 -3.66 13.78
C LEU A 227 5.95 -4.26 13.65
N SER A 228 6.44 -4.91 14.72
CA SER A 228 7.73 -5.56 14.63
C SER A 228 7.73 -6.60 13.52
N TYR A 229 6.74 -7.51 13.55
CA TYR A 229 6.65 -8.51 12.50
C TYR A 229 6.65 -7.87 11.13
N LEU A 230 6.09 -6.66 11.02
CA LEU A 230 5.97 -6.03 9.71
C LEU A 230 7.35 -5.80 9.08
N VAL A 231 8.34 -5.45 9.89
CA VAL A 231 9.64 -5.06 9.37
C VAL A 231 10.76 -6.01 9.79
N GLY A 232 10.48 -7.00 10.63
CA GLY A 232 11.49 -7.94 11.04
C GLY A 232 12.31 -7.53 12.25
N ALA A 233 11.78 -6.65 13.09
CA ALA A 233 12.47 -6.28 14.31
C ALA A 233 12.42 -7.42 15.32
N THR A 234 13.27 -7.33 16.34
CA THR A 234 13.37 -8.35 17.37
C THR A 234 12.56 -7.97 18.59
N LEU A 235 11.84 -8.94 19.14
CA LEU A 235 10.98 -8.71 20.31
C LEU A 235 11.65 -9.28 21.55
N TRP A 236 11.68 -8.49 22.62
CA TRP A 236 12.18 -8.92 23.92
C TRP A 236 10.98 -9.03 24.86
N ILE A 237 10.61 -10.26 25.22
CA ILE A 237 9.35 -10.53 25.90
C ILE A 237 9.56 -10.43 27.41
N ALA A 238 8.87 -9.48 28.04
CA ALA A 238 9.01 -9.27 29.46
C ALA A 238 8.30 -10.36 30.26
N PRO A 239 8.90 -10.86 31.33
CA PRO A 239 8.18 -11.76 32.23
C PRO A 239 7.22 -11.00 33.14
N LYS A 240 6.31 -11.77 33.74
CA LYS A 240 5.29 -11.17 34.60
C LYS A 240 5.94 -10.38 35.74
N SER A 241 7.01 -10.92 36.32
CA SER A 241 7.64 -10.25 37.46
C SER A 241 8.11 -8.84 37.10
N LEU A 242 8.58 -8.64 35.87
CA LEU A 242 9.18 -7.36 35.51
C LEU A 242 8.14 -6.27 35.29
N VAL A 243 6.92 -6.63 34.89
CA VAL A 243 5.93 -5.64 34.48
C VAL A 243 5.49 -4.75 35.64
N SER A 244 5.68 -5.19 36.88
CA SER A 244 5.22 -4.42 38.04
C SER A 244 6.35 -3.73 38.78
N ASP A 245 7.54 -3.62 38.18
CA ASP A 245 8.71 -3.04 38.84
C ASP A 245 9.32 -1.99 37.92
N PRO A 246 8.82 -0.76 37.95
CA PRO A 246 9.31 0.25 36.98
C PRO A 246 10.80 0.53 37.07
N GLU A 247 11.39 0.62 38.26
CA GLU A 247 12.83 0.83 38.36
C GLU A 247 13.60 -0.32 37.71
N ARG A 248 13.20 -1.56 38.03
CA ARG A 248 13.85 -2.72 37.47
C ARG A 248 13.69 -2.77 35.96
N LEU A 249 12.51 -2.42 35.45
CA LEU A 249 12.31 -2.34 34.01
C LEU A 249 13.20 -1.27 33.38
N CYS A 250 13.30 -0.11 34.02
CA CYS A 250 14.17 0.95 33.53
C CYS A 250 15.59 0.46 33.36
N GLN A 251 16.09 -0.31 34.32
CA GLN A 251 17.45 -0.84 34.19
C GLN A 251 17.53 -1.94 33.13
N THR A 252 16.53 -2.81 33.08
CA THR A 252 16.56 -3.90 32.10
C THR A 252 16.60 -3.36 30.68
N LEU A 253 15.82 -2.30 30.42
CA LEU A 253 15.82 -1.72 29.08
C LEU A 253 17.21 -1.25 28.67
N LYS A 254 17.99 -0.74 29.62
CA LYS A 254 19.35 -0.32 29.30
C LYS A 254 20.25 -1.53 29.08
N GLN A 255 20.18 -2.53 29.98
CA GLN A 255 21.07 -3.68 29.85
C GLN A 255 20.86 -4.40 28.53
N GLU A 256 19.60 -4.58 28.11
CA GLU A 256 19.28 -5.33 26.91
C GLU A 256 19.32 -4.48 25.64
N GLN A 257 19.70 -3.21 25.73
CA GLN A 257 19.85 -2.35 24.56
C GLN A 257 18.55 -2.28 23.77
N ILE A 258 17.43 -2.09 24.48
CA ILE A 258 16.15 -1.90 23.83
C ILE A 258 16.13 -0.54 23.14
N THR A 259 15.52 -0.48 21.95
CA THR A 259 15.47 0.75 21.17
C THR A 259 14.06 1.29 20.95
N VAL A 260 13.02 0.51 21.22
CA VAL A 260 11.64 0.94 20.99
C VAL A 260 10.81 0.54 22.21
N LEU A 261 10.07 1.50 22.75
CA LEU A 261 9.20 1.27 23.91
C LEU A 261 7.81 1.77 23.60
N HIS A 262 6.84 0.87 23.64
CA HIS A 262 5.42 1.20 23.68
C HIS A 262 4.94 1.05 25.12
N ALA A 263 4.27 2.07 25.65
CA ALA A 263 3.85 2.05 27.04
C ALA A 263 2.78 3.12 27.26
N VAL A 264 2.35 3.25 28.51
CA VAL A 264 1.40 4.29 28.89
C VAL A 264 2.15 5.33 29.75
N PRO A 265 1.68 6.57 29.80
CA PRO A 265 2.47 7.61 30.50
C PRO A 265 2.74 7.32 31.97
N THR A 266 1.80 6.72 32.69
CA THR A 266 2.04 6.50 34.12
C THR A 266 3.25 5.60 34.33
N LEU A 267 3.43 4.60 33.48
CA LEU A 267 4.60 3.72 33.61
C LEU A 267 5.89 4.49 33.35
N LEU A 268 5.94 5.26 32.27
CA LEU A 268 7.15 6.02 31.96
C LEU A 268 7.47 7.02 33.07
N ALA A 269 6.44 7.66 33.64
CA ALA A 269 6.65 8.64 34.68
C ALA A 269 7.29 8.05 35.94
N LEU A 270 7.30 6.73 36.07
CA LEU A 270 7.88 6.07 37.22
C LEU A 270 9.31 5.60 36.99
N PHE A 271 9.90 5.91 35.83
CA PHE A 271 11.30 5.56 35.59
C PHE A 271 12.22 6.53 36.32
N PRO A 272 13.16 6.05 37.13
CA PRO A 272 14.03 6.98 37.86
C PRO A 272 15.04 7.67 36.98
N GLU A 273 15.60 6.97 36.00
CA GLU A 273 16.64 7.51 35.13
C GLU A 273 16.14 7.53 33.69
N ASP A 274 16.91 8.21 32.84
CA ASP A 274 16.68 8.15 31.40
C ASP A 274 17.22 6.84 30.84
N VAL A 275 16.58 6.36 29.78
CA VAL A 275 17.06 5.22 29.03
C VAL A 275 17.57 5.74 27.69
N PRO A 276 18.86 6.05 27.56
CA PRO A 276 19.30 6.89 26.43
C PRO A 276 19.16 6.23 25.07
N ASN A 277 19.28 4.92 24.96
CA ASN A 277 19.29 4.25 23.65
C ASN A 277 17.88 3.88 23.17
N LEU A 278 16.85 4.59 23.62
CA LEU A 278 15.49 4.36 23.12
C LEU A 278 15.26 5.29 21.93
N ARG A 279 15.28 4.71 20.73
CA ARG A 279 14.94 5.46 19.53
C ARG A 279 13.53 6.04 19.63
N ILE A 280 12.55 5.16 19.80
CA ILE A 280 11.13 5.50 19.69
C ILE A 280 10.46 5.25 21.02
N ILE A 281 9.59 6.18 21.43
CA ILE A 281 8.75 6.02 22.61
C ILE A 281 7.32 6.34 22.18
N ASN A 282 6.46 5.32 22.17
CA ASN A 282 5.06 5.48 21.79
C ASN A 282 4.19 5.35 23.04
N LEU A 283 3.57 6.46 23.44
CA LEU A 283 2.72 6.48 24.61
C LEU A 283 1.26 6.43 24.16
N GLY A 284 0.58 5.33 24.50
CA GLY A 284 -0.84 5.20 24.30
C GLY A 284 -1.59 5.25 25.63
N GLY A 285 -2.89 4.95 25.54
CA GLY A 285 -3.70 4.86 26.73
C GLY A 285 -4.32 6.17 27.17
N GLU A 286 -3.48 7.18 27.39
CA GLU A 286 -3.95 8.47 27.86
C GLU A 286 -3.05 9.55 27.31
N MET A 287 -3.58 10.77 27.25
CA MET A 287 -2.80 11.90 26.78
C MET A 287 -1.63 12.14 27.74
N CYS A 288 -0.48 12.50 27.18
CA CYS A 288 0.73 12.65 27.99
C CYS A 288 0.71 13.98 28.74
N PRO A 289 1.03 14.01 30.04
CA PRO A 289 1.08 15.28 30.75
C PRO A 289 2.32 16.08 30.40
N ASP A 290 2.21 17.41 30.57
CA ASP A 290 3.28 18.31 30.14
C ASP A 290 4.59 18.00 30.86
N SER A 291 4.53 17.71 32.17
CA SER A 291 5.75 17.45 32.92
C SER A 291 6.52 16.28 32.34
N LEU A 292 5.81 15.22 31.95
CA LEU A 292 6.49 14.05 31.39
C LEU A 292 7.10 14.37 30.04
N VAL A 293 6.44 15.21 29.24
CA VAL A 293 7.03 15.66 27.98
C VAL A 293 8.32 16.40 28.24
N ASP A 294 8.28 17.36 29.19
CA ASP A 294 9.49 18.10 29.54
C ASP A 294 10.59 17.16 30.01
N ARG A 295 10.22 16.04 30.63
CA ARG A 295 11.24 15.14 31.18
C ARG A 295 11.85 14.24 30.10
N TRP A 296 11.05 13.81 29.12
CA TRP A 296 11.47 12.77 28.20
C TRP A 296 11.59 13.19 26.74
N ALA A 297 11.09 14.36 26.35
CA ALA A 297 11.17 14.80 24.95
C ALA A 297 12.55 15.39 24.68
N LEU A 298 13.55 14.52 24.70
CA LEU A 298 14.94 14.93 24.55
C LEU A 298 15.41 14.71 23.13
N PRO A 299 16.51 15.36 22.72
CA PRO A 299 16.94 15.25 21.32
C PRO A 299 17.17 13.83 20.84
N HIS A 300 17.60 12.92 21.71
CA HIS A 300 17.86 11.55 21.32
C HIS A 300 16.65 10.63 21.50
N HIS A 301 15.47 11.19 21.72
CA HIS A 301 14.23 10.43 21.83
C HIS A 301 13.23 10.97 20.81
N GLN A 302 12.57 10.07 20.09
CA GLN A 302 11.37 10.39 19.33
C GLN A 302 10.18 9.96 20.16
N MET A 303 9.47 10.93 20.73
CA MET A 303 8.41 10.68 21.69
C MET A 303 7.07 10.93 21.01
N PHE A 304 6.21 9.92 20.98
CA PHE A 304 4.92 9.98 20.33
C PHE A 304 3.80 9.74 21.33
N ASN A 305 2.61 10.20 20.97
CA ASN A 305 1.39 10.02 21.76
C ASN A 305 0.29 9.60 20.80
N THR A 306 -0.23 8.39 21.00
CA THR A 306 -1.26 7.84 20.12
C THR A 306 -2.60 7.82 20.85
N TYR A 307 -3.65 8.16 20.12
CA TYR A 307 -5.02 8.15 20.62
C TYR A 307 -5.87 7.32 19.67
N GLY A 308 -6.84 6.59 20.23
CA GLY A 308 -7.78 5.87 19.41
C GLY A 308 -8.49 4.74 20.14
N PRO A 309 -9.75 4.50 19.79
CA PRO A 309 -10.49 3.40 20.43
C PRO A 309 -10.22 2.07 19.75
N THR A 310 -10.51 1.00 20.49
CA THR A 310 -10.39 -0.35 19.95
C THR A 310 -11.23 -0.51 18.68
N GLU A 311 -12.36 0.19 18.60
CA GLU A 311 -13.30 0.00 17.49
C GLU A 311 -12.77 0.55 16.16
N THR A 312 -11.63 1.23 16.15
CA THR A 312 -11.01 1.68 14.90
C THR A 312 -9.59 1.16 14.79
N THR A 313 -9.32 0.00 15.39
CA THR A 313 -8.07 -0.73 15.21
C THR A 313 -6.89 -0.01 15.86
N VAL A 314 -6.70 -0.26 17.16
CA VAL A 314 -5.47 0.05 17.88
C VAL A 314 -5.31 1.54 18.09
N SER A 315 -5.09 2.30 17.02
CA SER A 315 -4.91 3.75 17.11
C SER A 315 -5.61 4.44 15.96
N ALA A 316 -5.94 5.72 16.17
CA ALA A 316 -6.60 6.54 15.15
C ALA A 316 -5.90 7.85 14.88
N SER A 317 -5.12 8.40 15.82
CA SER A 317 -4.39 9.63 15.59
C SER A 317 -3.08 9.55 16.36
N LEU A 318 -2.12 10.37 15.93
CA LEU A 318 -0.76 10.30 16.44
C LEU A 318 -0.17 11.70 16.50
N GLU A 319 0.53 11.99 17.59
CA GLU A 319 1.12 13.31 17.83
C GLU A 319 2.58 13.14 18.18
N LEU A 320 3.44 13.97 17.60
CA LEU A 320 4.84 14.04 17.99
C LEU A 320 4.97 15.03 19.14
N LEU A 321 5.44 14.56 20.29
CA LEU A 321 5.57 15.40 21.47
C LEU A 321 6.90 16.14 21.47
N GLU A 322 6.87 17.40 21.91
CA GLU A 322 8.07 18.22 21.97
C GLU A 322 7.95 19.20 23.12
N ARG A 323 9.07 19.45 23.79
CA ARG A 323 9.10 20.36 24.93
C ARG A 323 8.60 21.74 24.53
N GLY A 324 7.60 22.23 25.26
CA GLY A 324 7.04 23.54 25.02
C GLY A 324 5.82 23.55 24.12
N LYS A 325 5.62 22.51 23.31
CA LYS A 325 4.46 22.44 22.44
C LYS A 325 3.30 21.84 23.22
N PRO A 326 2.14 22.51 23.30
CA PRO A 326 1.02 21.93 24.04
C PRO A 326 0.61 20.58 23.48
N VAL A 327 0.23 19.67 24.36
CA VAL A 327 -0.08 18.30 23.98
C VAL A 327 -1.48 18.25 23.38
N THR A 328 -1.61 17.61 22.23
CA THR A 328 -2.90 17.32 21.62
C THR A 328 -2.88 15.88 21.15
N ILE A 329 -4.03 15.41 20.66
CA ILE A 329 -4.09 14.06 20.11
C ILE A 329 -3.48 13.96 18.72
N GLY A 330 -3.00 15.07 18.15
CA GLY A 330 -2.38 15.05 16.84
C GLY A 330 -3.39 14.97 15.71
N LYS A 331 -2.89 14.58 14.54
CA LYS A 331 -3.71 14.44 13.35
C LYS A 331 -4.01 12.97 13.08
N PRO A 332 -5.09 12.68 12.37
CA PRO A 332 -5.43 11.28 12.08
C PRO A 332 -4.28 10.55 11.39
N LEU A 333 -4.21 9.24 11.61
CA LEU A 333 -3.27 8.42 10.90
C LEU A 333 -3.61 8.42 9.40
N PRO A 334 -2.65 8.10 8.55
CA PRO A 334 -2.92 8.08 7.11
C PRO A 334 -4.16 7.28 6.76
N ASN A 335 -5.05 7.90 5.99
CA ASN A 335 -6.30 7.34 5.48
C ASN A 335 -7.38 7.26 6.56
N TYR A 336 -7.07 7.60 7.81
CA TYR A 336 -8.10 7.81 8.80
C TYR A 336 -8.71 9.20 8.64
N GLY A 337 -9.86 9.40 9.25
CA GLY A 337 -10.48 10.72 9.25
C GLY A 337 -11.36 10.91 10.46
N MET A 338 -11.56 12.18 10.81
CA MET A 338 -12.33 12.54 11.99
C MET A 338 -13.26 13.69 11.66
N LEU A 339 -14.44 13.67 12.29
CA LEU A 339 -15.38 14.77 12.18
C LEU A 339 -16.21 14.83 13.47
N VAL A 340 -17.14 15.77 13.52
CA VAL A 340 -17.93 16.02 14.73
C VAL A 340 -19.39 16.16 14.33
N ILE A 341 -20.27 15.50 15.08
CA ILE A 341 -21.71 15.54 14.82
C ILE A 341 -22.44 15.96 16.09
N ASN A 342 -23.74 16.14 15.97
CA ASN A 342 -24.60 16.46 17.11
C ASN A 342 -25.45 15.24 17.46
N SER A 343 -26.42 15.45 18.35
CA SER A 343 -27.24 14.35 18.83
C SER A 343 -28.04 13.68 17.72
N GLU A 344 -28.26 14.35 16.61
CA GLU A 344 -29.08 13.82 15.51
C GLU A 344 -28.26 13.58 14.24
N ARG A 345 -26.98 13.25 14.38
CA ARG A 345 -26.16 12.83 13.26
C ARG A 345 -26.11 13.90 12.16
N GLU A 346 -25.79 15.12 12.55
CA GLU A 346 -25.63 16.24 11.61
C GLU A 346 -24.23 16.82 11.76
N LEU A 347 -23.56 17.05 10.64
CA LEU A 347 -22.20 17.56 10.67
C LEU A 347 -22.17 18.97 11.23
N LEU A 348 -21.31 19.20 12.21
CA LEU A 348 -21.20 20.50 12.84
C LEU A 348 -20.16 21.35 12.13
N GLU A 349 -20.38 22.66 12.13
CA GLU A 349 -19.41 23.59 11.61
C GLU A 349 -18.19 23.64 12.52
N GLN A 350 -17.05 24.07 11.94
CA GLN A 350 -15.82 24.13 12.70
C GLN A 350 -15.99 25.06 13.89
N GLY A 351 -15.61 24.56 15.08
CA GLY A 351 -15.69 25.33 16.31
C GLY A 351 -16.77 24.86 17.26
N GLU A 352 -17.81 24.23 16.73
CA GLU A 352 -18.92 23.76 17.56
C GLU A 352 -18.56 22.42 18.20
N THR A 353 -19.15 22.17 19.37
CA THR A 353 -18.86 20.98 20.15
C THR A 353 -19.88 19.89 19.87
N GLY A 354 -19.39 18.66 19.75
CA GLY A 354 -20.27 17.54 19.53
C GLY A 354 -19.53 16.23 19.74
N GLU A 355 -20.13 15.15 19.24
CA GLU A 355 -19.52 13.84 19.35
C GLU A 355 -18.48 13.65 18.25
N LEU A 356 -17.29 13.20 18.64
CA LEU A 356 -16.22 12.89 17.70
C LEU A 356 -16.48 11.55 17.03
N CYS A 357 -16.40 11.53 15.70
CA CYS A 357 -16.57 10.32 14.91
C CYS A 357 -15.33 10.09 14.06
N ILE A 358 -15.05 8.81 13.80
CA ILE A 358 -13.87 8.38 13.07
C ILE A 358 -14.31 7.53 11.88
N PHE A 359 -13.64 7.72 10.75
CA PHE A 359 -13.90 6.92 9.56
C PHE A 359 -12.59 6.51 8.92
N GLY A 360 -12.69 5.62 7.94
CA GLY A 360 -11.53 5.08 7.26
C GLY A 360 -11.59 3.57 7.16
N PRO A 361 -10.63 2.98 6.45
CA PRO A 361 -10.65 1.52 6.22
C PRO A 361 -10.35 0.69 7.46
N SER A 362 -10.02 1.32 8.59
CA SER A 362 -9.74 0.59 9.83
C SER A 362 -10.90 0.65 10.82
N VAL A 363 -12.06 1.14 10.39
CA VAL A 363 -13.25 1.05 11.23
C VAL A 363 -13.70 -0.40 11.31
N ALA A 364 -13.89 -0.88 12.53
CA ALA A 364 -14.16 -2.30 12.76
C ALA A 364 -15.45 -2.73 12.10
N GLN A 365 -15.60 -4.06 11.97
CA GLN A 365 -16.84 -4.62 11.44
C GLN A 365 -18.02 -4.26 12.32
N GLY A 366 -17.82 -4.23 13.64
CA GLY A 366 -18.86 -3.92 14.59
C GLY A 366 -18.71 -4.77 15.83
N TYR A 367 -19.79 -4.87 16.61
CA TYR A 367 -19.79 -5.70 17.82
C TYR A 367 -20.39 -7.06 17.50
N LEU A 368 -19.74 -8.11 17.97
CA LEU A 368 -20.12 -9.47 17.61
C LEU A 368 -21.49 -9.81 18.16
N GLY A 369 -22.40 -10.22 17.28
CA GLY A 369 -23.70 -10.70 17.69
C GLY A 369 -24.58 -9.68 18.37
N ARG A 370 -24.30 -8.39 18.19
CA ARG A 370 -25.07 -7.31 18.79
C ARG A 370 -25.41 -6.29 17.72
N PRO A 371 -26.32 -6.63 16.80
CA PRO A 371 -26.55 -5.75 15.65
C PRO A 371 -27.21 -4.43 15.99
N ASP A 372 -28.09 -4.39 17.00
CA ASP A 372 -28.69 -3.12 17.41
C ASP A 372 -27.62 -2.13 17.87
N LEU A 373 -26.78 -2.55 18.81
CA LEU A 373 -25.72 -1.67 19.32
C LEU A 373 -24.75 -1.30 18.22
N THR A 374 -24.41 -2.24 17.34
CA THR A 374 -23.54 -1.94 16.20
C THR A 374 -24.15 -0.83 15.35
N ALA A 375 -25.42 -0.97 15.00
CA ALA A 375 -26.08 0.03 14.17
C ALA A 375 -26.17 1.37 14.88
N ASP A 376 -26.24 1.36 16.22
CA ASP A 376 -26.29 2.62 16.94
C ASP A 376 -24.91 3.29 16.99
N LYS A 377 -23.83 2.50 17.00
CA LYS A 377 -22.49 3.05 17.14
C LYS A 377 -21.71 3.13 15.82
N PHE A 378 -22.08 2.33 14.83
CA PHE A 378 -21.46 2.37 13.50
C PHE A 378 -22.52 2.82 12.51
N ILE A 379 -22.40 4.04 12.01
CA ILE A 379 -23.46 4.66 11.22
C ILE A 379 -22.93 5.00 9.84
N GLU A 380 -23.86 5.19 8.91
CA GLU A 380 -23.49 5.60 7.56
C GLU A 380 -22.91 7.01 7.58
N ASN A 381 -21.94 7.25 6.71
CA ASN A 381 -21.29 8.55 6.58
C ASN A 381 -21.85 9.30 5.39
N PRO A 382 -22.79 10.23 5.58
CA PRO A 382 -23.35 10.96 4.43
C PRO A 382 -22.32 11.81 3.69
N TRP A 383 -21.14 12.03 4.26
CA TRP A 383 -20.14 12.93 3.70
C TRP A 383 -18.89 12.19 3.27
N ALA A 384 -18.99 10.89 3.01
CA ALA A 384 -17.84 10.12 2.57
C ALA A 384 -17.45 10.50 1.15
N MET A 385 -16.14 10.64 0.92
CA MET A 385 -15.61 10.93 -0.39
C MET A 385 -15.07 9.70 -1.09
N SER A 386 -15.17 8.53 -0.49
CA SER A 386 -14.73 7.28 -1.10
C SER A 386 -15.41 6.12 -0.38
N VAL A 387 -15.30 4.94 -0.98
CA VAL A 387 -15.96 3.76 -0.42
C VAL A 387 -15.37 3.40 0.93
N GLU A 388 -14.11 3.76 1.18
CA GLU A 388 -13.46 3.45 2.45
C GLU A 388 -13.86 4.39 3.58
N GLU A 389 -14.65 5.42 3.31
CA GLU A 389 -15.06 6.40 4.31
C GLU A 389 -16.55 6.34 4.61
N GLU A 390 -17.24 5.29 4.19
CA GLU A 390 -18.69 5.24 4.28
C GLU A 390 -19.21 4.85 5.65
N LEU A 391 -18.33 4.66 6.64
CA LEU A 391 -18.75 4.16 7.95
C LEU A 391 -18.09 5.00 9.05
N LEU A 392 -18.93 5.64 9.86
CA LEU A 392 -18.48 6.44 10.99
C LEU A 392 -18.64 5.64 12.27
N TYR A 393 -17.58 5.59 13.08
CA TYR A 393 -17.68 5.10 14.44
C TYR A 393 -17.83 6.28 15.39
N ARG A 394 -18.86 6.22 16.23
CA ARG A 394 -19.15 7.29 17.19
C ARG A 394 -18.40 6.97 18.48
N THR A 395 -17.42 7.80 18.82
CA THR A 395 -16.54 7.49 19.95
C THR A 395 -17.25 7.63 21.28
N GLY A 396 -18.28 8.46 21.36
CA GLY A 396 -18.87 8.83 22.63
C GLY A 396 -18.12 9.94 23.34
N ASP A 397 -17.09 10.50 22.73
CA ASP A 397 -16.33 11.60 23.29
C ASP A 397 -16.82 12.92 22.70
N LEU A 398 -16.86 13.96 23.54
CA LEU A 398 -17.07 15.31 23.05
C LEU A 398 -15.77 15.87 22.50
N ALA A 399 -15.88 16.70 21.47
CA ALA A 399 -14.70 17.27 20.84
C ALA A 399 -15.10 18.50 20.03
N LYS A 400 -14.08 19.31 19.73
CA LYS A 400 -14.24 20.43 18.81
C LYS A 400 -12.98 20.57 17.97
N ILE A 401 -13.12 21.27 16.85
CA ILE A 401 -12.01 21.44 15.90
C ILE A 401 -11.46 22.84 16.06
N ASP A 402 -10.15 22.92 16.31
CA ASP A 402 -9.45 24.18 16.53
C ASP A 402 -9.54 25.09 15.31
N GLU A 403 -9.22 26.37 15.54
CA GLU A 403 -9.02 27.28 14.41
C GLU A 403 -7.76 26.92 13.62
N PHE A 404 -6.94 26.01 14.13
CA PHE A 404 -5.76 25.50 13.45
C PHE A 404 -5.98 24.11 12.85
N GLY A 405 -7.23 23.64 12.82
CA GLY A 405 -7.51 22.34 12.25
C GLY A 405 -7.21 21.18 13.16
N GLN A 406 -7.07 21.42 14.46
CA GLN A 406 -6.72 20.40 15.43
C GLN A 406 -7.95 19.97 16.22
N VAL A 407 -8.08 18.66 16.42
CA VAL A 407 -9.16 18.11 17.23
C VAL A 407 -8.78 18.21 18.70
N HIS A 408 -9.75 18.61 19.52
CA HIS A 408 -9.58 18.72 20.97
C HIS A 408 -10.72 17.96 21.64
N CYS A 409 -10.36 16.96 22.44
CA CYS A 409 -11.33 16.19 23.21
C CYS A 409 -11.75 16.96 24.46
N LEU A 410 -13.00 16.75 24.88
CA LEU A 410 -13.57 17.49 25.99
C LEU A 410 -14.33 16.57 26.94
N GLY A 411 -13.87 15.34 27.12
CA GLY A 411 -14.51 14.40 28.01
C GLY A 411 -15.57 13.58 27.31
N ARG A 412 -16.38 12.91 28.13
CA ARG A 412 -17.37 11.98 27.62
C ARG A 412 -18.74 12.64 27.51
N ALA A 413 -19.55 12.13 26.58
CA ALA A 413 -20.92 12.60 26.42
C ALA A 413 -21.84 12.12 27.55
N ASP A 414 -21.34 11.26 28.43
CA ASP A 414 -22.13 10.76 29.54
C ASP A 414 -21.35 10.84 30.85
N LYS B 11 -21.82 -8.31 -34.01
CA LYS B 11 -20.77 -7.41 -33.57
C LYS B 11 -20.22 -7.84 -32.20
N ASN B 12 -19.39 -8.88 -32.20
CA ASN B 12 -18.79 -9.40 -30.98
C ASN B 12 -17.30 -9.16 -30.92
N VAL B 13 -16.75 -8.31 -31.78
CA VAL B 13 -15.35 -7.92 -31.75
C VAL B 13 -15.28 -6.41 -31.95
N ILE B 14 -14.82 -5.69 -30.94
CA ILE B 14 -14.80 -4.23 -30.92
C ILE B 14 -13.38 -3.76 -31.11
N ARG B 15 -13.18 -2.87 -32.08
CA ARG B 15 -11.87 -2.32 -32.40
C ARG B 15 -11.87 -0.82 -32.22
N GLY B 16 -10.74 -0.28 -31.77
CA GLY B 16 -10.50 1.14 -31.85
C GLY B 16 -10.37 1.58 -33.31
N LYS B 17 -10.09 2.88 -33.48
CA LYS B 17 -9.91 3.40 -34.83
C LYS B 17 -8.70 2.76 -35.49
N TYR B 18 -8.72 2.76 -36.83
CA TYR B 18 -7.71 2.11 -37.65
C TYR B 18 -6.66 3.14 -38.03
N HIS B 19 -5.50 3.09 -37.37
CA HIS B 19 -4.42 4.04 -37.58
C HIS B 19 -3.11 3.26 -37.74
N PRO B 20 -2.88 2.66 -38.90
CA PRO B 20 -1.61 1.93 -39.10
C PRO B 20 -0.39 2.84 -39.08
N GLU B 21 -0.56 4.15 -39.29
CA GLU B 21 0.57 5.07 -39.25
C GLU B 21 1.14 5.22 -37.85
N PHE B 22 0.39 4.83 -36.82
CA PHE B 22 0.93 4.87 -35.47
C PHE B 22 1.95 3.77 -35.21
N LEU B 23 2.07 2.80 -36.11
CA LEU B 23 3.09 1.75 -36.04
C LEU B 23 4.25 2.21 -36.92
N GLN B 24 5.28 2.76 -36.29
CA GLN B 24 6.46 3.22 -37.00
C GLN B 24 7.65 2.38 -36.55
N ASN B 25 8.70 2.40 -37.37
CA ASN B 25 9.92 1.64 -37.07
C ASN B 25 10.79 2.49 -36.15
N GLU B 26 10.39 2.52 -34.87
CA GLU B 26 10.96 3.48 -33.93
C GLU B 26 11.15 2.84 -32.56
N VAL B 27 11.92 3.53 -31.72
CA VAL B 27 12.09 3.19 -30.31
C VAL B 27 11.96 4.48 -29.51
N LEU B 28 11.81 4.34 -28.19
CA LEU B 28 11.58 5.51 -27.34
C LEU B 28 12.66 6.56 -27.55
N ALA B 29 13.91 6.12 -27.69
CA ALA B 29 15.01 7.05 -27.92
C ALA B 29 14.73 7.95 -29.10
N ASP B 30 14.12 7.40 -30.17
CA ASP B 30 13.81 8.21 -31.35
C ASP B 30 12.81 9.31 -31.02
N ILE B 31 11.74 8.96 -30.29
CA ILE B 31 10.73 9.94 -29.91
C ILE B 31 11.36 11.07 -29.11
N PHE B 32 12.13 10.72 -28.07
CA PHE B 32 12.72 11.79 -27.26
C PHE B 32 13.73 12.59 -28.07
N ALA B 33 14.53 11.93 -28.89
CA ALA B 33 15.53 12.65 -29.68
C ALA B 33 14.87 13.63 -30.64
N HIS B 34 13.76 13.23 -31.26
CA HIS B 34 13.04 14.14 -32.13
C HIS B 34 12.59 15.38 -31.36
N THR B 35 11.94 15.17 -30.21
CA THR B 35 11.49 16.33 -29.43
C THR B 35 12.67 17.21 -29.03
N ALA B 36 13.78 16.59 -28.63
CA ALA B 36 14.92 17.36 -28.12
C ALA B 36 15.59 18.15 -29.23
N GLN B 37 15.72 17.57 -30.42
CA GLN B 37 16.32 18.27 -31.55
C GLN B 37 15.39 19.33 -32.12
N THR B 38 14.09 19.20 -31.92
CA THR B 38 13.16 20.19 -32.45
C THR B 38 12.89 21.35 -31.49
N LEU B 39 12.96 21.11 -30.17
CA LEU B 39 12.70 22.13 -29.17
C LEU B 39 13.81 22.14 -28.12
N PRO B 40 15.05 22.43 -28.52
CA PRO B 40 16.16 22.31 -27.55
C PRO B 40 16.03 23.26 -26.36
N ASP B 41 15.46 24.44 -26.56
CA ASP B 41 15.45 25.48 -25.55
C ASP B 41 14.16 25.52 -24.73
N LYS B 42 13.22 24.61 -24.96
CA LYS B 42 12.00 24.59 -24.17
C LYS B 42 12.22 23.81 -22.88
N THR B 43 11.61 24.31 -21.80
CA THR B 43 11.73 23.67 -20.49
C THR B 43 11.07 22.29 -20.53
N ALA B 44 11.83 21.25 -20.20
CA ALA B 44 11.32 19.89 -20.11
C ALA B 44 10.92 19.52 -18.69
N LEU B 45 11.73 19.85 -17.70
CA LEU B 45 11.52 19.43 -16.32
C LEU B 45 11.57 20.63 -15.38
N ILE B 46 10.72 20.60 -14.35
CA ILE B 46 10.75 21.57 -13.27
C ILE B 46 10.74 20.80 -11.95
N GLU B 47 11.69 21.11 -11.08
CA GLU B 47 11.72 20.58 -9.72
C GLU B 47 11.94 21.75 -8.77
N ALA B 48 10.88 22.16 -8.08
CA ALA B 48 10.96 23.33 -7.22
C ALA B 48 11.38 24.54 -8.03
N ASP B 49 12.56 25.09 -7.78
CA ASP B 49 13.06 26.25 -8.51
C ASP B 49 14.16 25.90 -9.50
N LYS B 50 14.33 24.62 -9.81
CA LYS B 50 15.33 24.18 -10.77
C LYS B 50 14.63 23.76 -12.06
N THR B 51 15.19 24.19 -13.19
CA THR B 51 14.64 23.89 -14.51
C THR B 51 15.73 23.30 -15.39
N LEU B 52 15.30 22.46 -16.33
CA LEU B 52 16.19 21.82 -17.29
C LEU B 52 15.50 21.80 -18.64
N SER B 53 16.21 22.17 -19.68
CA SER B 53 15.62 22.20 -21.02
C SER B 53 15.75 20.83 -21.69
N TYR B 54 15.00 20.66 -22.78
CA TYR B 54 15.05 19.40 -23.51
C TYR B 54 16.47 19.14 -24.02
N GLY B 55 17.14 20.17 -24.55
CA GLY B 55 18.50 19.98 -25.03
C GLY B 55 19.45 19.61 -23.92
N GLU B 56 19.38 20.33 -22.80
CA GLU B 56 20.24 20.03 -21.65
C GLU B 56 19.98 18.62 -21.13
N LEU B 57 18.70 18.29 -20.94
CA LEU B 57 18.36 16.94 -20.49
C LEU B 57 18.92 15.90 -21.45
N TYR B 58 18.77 16.15 -22.75
CA TYR B 58 19.25 15.19 -23.75
C TYR B 58 20.74 14.98 -23.63
N GLN B 59 21.51 16.08 -23.57
CA GLN B 59 22.97 15.95 -23.53
C GLN B 59 23.44 15.26 -22.25
N GLN B 60 22.85 15.62 -21.11
CA GLN B 60 23.25 15.02 -19.85
C GLN B 60 22.92 13.53 -19.82
N ALA B 61 21.70 13.17 -20.23
CA ALA B 61 21.34 11.76 -20.31
C ALA B 61 22.19 11.02 -21.32
N LEU B 62 22.65 11.70 -22.38
CA LEU B 62 23.52 11.05 -23.35
C LEU B 62 24.88 10.74 -22.74
N ILE B 63 25.42 11.67 -21.95
CA ILE B 63 26.67 11.39 -21.24
C ILE B 63 26.48 10.19 -20.33
N MET B 64 25.37 10.15 -19.59
CA MET B 64 25.11 9.02 -18.72
C MET B 64 24.99 7.72 -19.50
N ALA B 65 24.34 7.76 -20.67
CA ALA B 65 24.19 6.57 -21.49
C ALA B 65 25.54 6.08 -21.99
N GLN B 66 26.43 7.02 -22.35
CA GLN B 66 27.76 6.62 -22.80
C GLN B 66 28.54 5.97 -21.66
N HIS B 67 28.44 6.52 -20.45
CA HIS B 67 29.08 5.87 -19.31
C HIS B 67 28.52 4.48 -19.10
N LEU B 68 27.21 4.30 -19.24
CA LEU B 68 26.64 2.96 -19.14
C LEU B 68 27.22 2.04 -20.20
N ALA B 69 27.31 2.52 -21.44
CA ALA B 69 27.84 1.70 -22.53
C ALA B 69 29.28 1.26 -22.24
N LEU B 70 30.09 2.17 -21.68
CA LEU B 70 31.45 1.81 -21.34
C LEU B 70 31.50 0.69 -20.30
N LYS B 71 30.52 0.66 -19.39
CA LYS B 71 30.47 -0.36 -18.35
C LYS B 71 29.84 -1.67 -18.82
N GLY B 72 29.47 -1.77 -20.10
CA GLY B 72 28.97 -3.02 -20.66
C GLY B 72 27.49 -3.07 -20.96
N VAL B 73 26.75 -2.00 -20.68
CA VAL B 73 25.32 -1.99 -20.98
C VAL B 73 25.14 -1.92 -22.49
N LYS B 74 24.27 -2.78 -23.01
CA LYS B 74 23.99 -2.86 -24.43
C LYS B 74 22.50 -3.09 -24.63
N PRO B 75 22.00 -2.87 -25.84
CA PRO B 75 20.57 -3.12 -26.10
C PRO B 75 20.14 -4.50 -25.63
N GLY B 76 18.94 -4.55 -25.05
CA GLY B 76 18.38 -5.78 -24.52
C GLY B 76 18.67 -6.03 -23.06
N HIS B 77 19.64 -5.32 -22.47
CA HIS B 77 19.94 -5.49 -21.06
C HIS B 77 18.90 -4.76 -20.21
N ILE B 78 18.85 -5.13 -18.93
CA ILE B 78 17.90 -4.57 -17.97
C ILE B 78 18.68 -3.89 -16.86
N VAL B 79 18.32 -2.64 -16.56
CA VAL B 79 19.02 -1.83 -15.57
C VAL B 79 18.00 -1.34 -14.54
N GLY B 80 18.28 -1.56 -13.27
CA GLY B 80 17.39 -1.08 -12.24
C GLY B 80 17.42 0.43 -12.10
N LEU B 81 16.34 0.97 -11.53
CA LEU B 81 16.20 2.42 -11.38
C LEU B 81 15.57 2.69 -10.01
N TRP B 82 16.34 3.34 -9.12
CA TRP B 82 15.85 3.61 -7.76
C TRP B 82 16.47 4.93 -7.29
N LEU B 83 15.72 6.01 -7.46
CA LEU B 83 16.14 7.33 -7.03
C LEU B 83 14.94 8.08 -6.46
N PRO B 84 15.17 9.16 -5.73
CA PRO B 84 14.04 9.96 -5.25
C PRO B 84 13.38 10.71 -6.39
N ARG B 85 12.10 11.04 -6.20
CA ARG B 85 11.39 11.90 -7.13
C ARG B 85 12.21 13.16 -7.41
N GLY B 86 12.22 13.58 -8.67
CA GLY B 86 12.91 14.79 -9.06
C GLY B 86 13.53 14.64 -10.44
N ILE B 87 14.44 15.57 -10.75
CA ILE B 87 15.01 15.62 -12.08
C ILE B 87 15.98 14.47 -12.31
N GLU B 88 16.77 14.13 -11.28
CA GLU B 88 17.79 13.09 -11.47
C GLU B 88 17.15 11.74 -11.78
N LEU B 89 15.99 11.44 -11.18
CA LEU B 89 15.30 10.18 -11.46
C LEU B 89 14.93 10.06 -12.93
N LEU B 90 14.30 11.11 -13.47
CA LEU B 90 13.90 11.09 -14.88
C LEU B 90 15.11 11.11 -15.80
N LYS B 91 16.15 11.85 -15.43
CA LYS B 91 17.37 11.88 -16.24
C LYS B 91 18.02 10.50 -16.28
N ALA B 92 18.00 9.77 -15.17
CA ALA B 92 18.56 8.42 -15.15
C ALA B 92 17.70 7.46 -15.96
N GLN B 93 16.37 7.56 -15.84
CA GLN B 93 15.49 6.78 -16.69
C GLN B 93 15.85 6.99 -18.17
N LEU B 94 15.97 8.26 -18.56
CA LEU B 94 16.30 8.58 -19.94
C LEU B 94 17.69 8.08 -20.31
N ALA B 95 18.63 8.10 -19.36
CA ALA B 95 19.97 7.58 -19.63
C ALA B 95 19.91 6.10 -19.96
N ILE B 96 19.16 5.33 -19.18
CA ILE B 96 18.97 3.92 -19.49
C ILE B 96 18.35 3.78 -20.89
N CYS B 97 17.34 4.59 -21.18
CA CYS B 97 16.65 4.49 -22.46
C CYS B 97 17.60 4.74 -23.63
N LEU B 98 18.39 5.80 -23.55
CA LEU B 98 19.28 6.18 -24.65
C LEU B 98 20.42 5.19 -24.83
N SER B 99 20.79 4.44 -23.79
CA SER B 99 21.81 3.42 -23.92
C SER B 99 21.32 2.21 -24.71
N GLY B 100 20.03 2.15 -25.02
CA GLY B 100 19.46 1.01 -25.71
C GLY B 100 18.88 -0.05 -24.80
N ALA B 101 19.06 0.08 -23.49
CA ALA B 101 18.59 -0.91 -22.54
C ALA B 101 17.17 -0.58 -22.05
N ALA B 102 16.61 -1.50 -21.28
CA ALA B 102 15.32 -1.32 -20.64
C ALA B 102 15.53 -1.08 -19.15
N TRP B 103 14.64 -0.30 -18.55
CA TRP B 103 14.77 0.05 -17.15
C TRP B 103 13.70 -0.66 -16.31
N LEU B 104 14.09 -1.01 -15.09
CA LEU B 104 13.22 -1.63 -14.11
C LEU B 104 12.95 -0.60 -13.02
N PRO B 105 11.79 0.06 -13.01
CA PRO B 105 11.60 1.18 -12.06
C PRO B 105 11.20 0.71 -10.67
N PHE B 106 11.81 1.34 -9.66
CA PHE B 106 11.54 1.05 -8.26
C PHE B 106 10.99 2.28 -7.55
N ASP B 107 9.88 2.09 -6.82
CA ASP B 107 9.32 3.15 -5.99
C ASP B 107 10.29 3.55 -4.89
N MET B 108 10.14 4.78 -4.38
CA MET B 108 11.06 5.28 -3.36
C MET B 108 11.06 4.41 -2.11
N ASP B 109 9.90 3.87 -1.74
CA ASP B 109 9.73 3.12 -0.50
C ASP B 109 9.86 1.61 -0.70
N THR B 110 10.52 1.18 -1.77
CA THR B 110 10.72 -0.26 -1.98
C THR B 110 11.80 -0.76 -1.03
N PRO B 111 11.55 -1.82 -0.28
CA PRO B 111 12.61 -2.36 0.59
C PRO B 111 13.73 -3.00 -0.21
N ALA B 112 14.92 -3.01 0.38
CA ALA B 112 16.12 -3.44 -0.34
C ALA B 112 16.02 -4.91 -0.76
N ASP B 113 15.48 -5.76 0.09
CA ASP B 113 15.35 -7.18 -0.26
C ASP B 113 14.49 -7.35 -1.50
N ARG B 114 13.47 -6.50 -1.66
CA ARG B 114 12.62 -6.58 -2.84
C ARG B 114 13.37 -6.15 -4.08
N ILE B 115 14.19 -5.10 -3.98
CA ILE B 115 15.06 -4.72 -5.09
C ILE B 115 15.94 -5.90 -5.48
N ALA B 116 16.52 -6.56 -4.49
CA ALA B 116 17.42 -7.69 -4.77
C ALA B 116 16.69 -8.79 -5.53
N VAL B 117 15.51 -9.19 -5.04
CA VAL B 117 14.80 -10.30 -5.67
C VAL B 117 14.33 -9.91 -7.07
N CYS B 118 13.92 -8.65 -7.26
CA CYS B 118 13.47 -8.25 -8.58
C CYS B 118 14.62 -8.22 -9.59
N LEU B 119 15.76 -7.67 -9.19
CA LEU B 119 16.92 -7.67 -10.09
C LEU B 119 17.35 -9.09 -10.40
N GLU B 120 17.35 -9.98 -9.40
CA GLU B 120 17.70 -11.37 -9.65
C GLU B 120 16.73 -12.01 -10.64
N ASP B 121 15.44 -11.82 -10.43
CA ASP B 121 14.43 -12.41 -11.31
C ASP B 121 14.58 -11.90 -12.73
N ALA B 122 14.89 -10.61 -12.89
CA ALA B 122 15.03 -10.03 -14.22
C ALA B 122 16.42 -10.23 -14.82
N GLU B 123 17.35 -10.83 -14.07
CA GLU B 123 18.72 -11.01 -14.54
C GLU B 123 19.32 -9.67 -14.97
N ALA B 124 19.03 -8.63 -14.20
CA ALA B 124 19.50 -7.29 -14.53
C ALA B 124 21.02 -7.22 -14.45
N VAL B 125 21.60 -6.42 -15.34
CA VAL B 125 23.05 -6.22 -15.34
C VAL B 125 23.47 -5.23 -14.26
N GLY B 126 22.55 -4.44 -13.74
CA GLY B 126 22.87 -3.47 -12.72
C GLY B 126 21.67 -2.60 -12.42
N MET B 127 21.94 -1.52 -11.66
CA MET B 127 20.91 -0.55 -11.35
C MET B 127 21.58 0.80 -11.11
N ILE B 128 20.79 1.86 -11.23
CA ILE B 128 21.25 3.22 -10.96
C ILE B 128 20.56 3.71 -9.70
N THR B 129 21.31 4.35 -8.83
CA THR B 129 20.77 4.94 -7.62
C THR B 129 21.59 6.20 -7.30
N THR B 130 21.48 6.68 -6.07
CA THR B 130 22.22 7.85 -5.60
C THR B 130 23.31 7.42 -4.64
N ASP B 131 24.20 8.36 -4.35
CA ASP B 131 25.26 8.12 -3.37
C ASP B 131 24.66 7.84 -1.99
N GLU B 132 23.69 8.65 -1.58
CA GLU B 132 23.06 8.47 -0.27
C GLU B 132 22.41 7.10 -0.17
N TRP B 133 21.58 6.74 -1.16
CA TRP B 133 20.85 5.48 -1.11
C TRP B 133 21.74 4.28 -1.39
N TYR B 134 22.92 4.49 -1.97
CA TYR B 134 23.83 3.37 -2.24
C TYR B 134 24.10 2.57 -0.99
N GLU B 135 24.20 3.25 0.16
CA GLU B 135 24.57 2.58 1.40
C GLU B 135 23.51 1.57 1.84
N HIS B 136 22.25 1.81 1.48
CA HIS B 136 21.15 0.94 1.89
C HIS B 136 21.10 -0.36 1.12
N LEU B 137 22.01 -0.60 0.18
CA LEU B 137 21.93 -1.76 -0.69
C LEU B 137 23.12 -2.71 -0.48
N ALA B 138 23.44 -3.01 0.78
CA ALA B 138 24.54 -3.93 1.06
C ALA B 138 24.19 -5.35 0.60
N GLU B 139 22.94 -5.77 0.79
CA GLU B 139 22.53 -7.14 0.49
C GLU B 139 22.28 -7.39 -0.99
N VAL B 140 22.34 -6.37 -1.84
CA VAL B 140 22.06 -6.51 -3.26
C VAL B 140 23.35 -6.93 -3.96
N PRO B 141 23.39 -8.10 -4.62
CA PRO B 141 24.63 -8.53 -5.27
C PRO B 141 24.95 -7.80 -6.56
N GLN B 142 23.92 -7.44 -7.33
CA GLN B 142 24.15 -6.88 -8.66
C GLN B 142 24.98 -5.60 -8.58
N THR B 143 25.55 -5.23 -9.72
CA THR B 143 26.33 -4.01 -9.82
C THR B 143 25.43 -2.80 -9.63
N LYS B 144 25.96 -1.77 -8.98
CA LYS B 144 25.21 -0.55 -8.71
C LYS B 144 26.03 0.66 -9.10
N TRP B 145 25.45 1.52 -9.93
CA TRP B 145 26.07 2.76 -10.34
C TRP B 145 25.31 3.92 -9.72
N THR B 146 26.04 4.99 -9.41
CA THR B 146 25.44 6.21 -8.92
C THR B 146 25.25 7.18 -10.08
N ASN B 147 24.18 7.98 -10.01
CA ASN B 147 23.96 9.00 -11.02
C ASN B 147 25.16 9.93 -11.12
N THR B 148 25.87 10.16 -10.01
CA THR B 148 27.01 11.06 -10.02
C THR B 148 28.15 10.49 -10.86
N GLU B 149 28.48 9.21 -10.66
CA GLU B 149 29.61 8.63 -11.36
C GLU B 149 29.34 8.47 -12.85
N LEU B 150 28.07 8.31 -13.24
CA LEU B 150 27.71 8.25 -14.66
C LEU B 150 27.69 9.61 -15.33
N GLN B 151 27.89 10.69 -14.58
CA GLN B 151 27.84 12.05 -15.11
C GLN B 151 29.21 12.69 -15.23
N LYS B 152 30.28 11.95 -14.93
CA LYS B 152 31.61 12.53 -15.01
C LYS B 152 31.96 12.86 -16.46
N PRO B 153 32.80 13.87 -16.68
CA PRO B 153 33.21 14.19 -18.06
C PRO B 153 33.87 12.99 -18.72
N LEU B 154 33.65 12.87 -20.03
CA LEU B 154 34.24 11.80 -20.82
C LEU B 154 35.43 12.32 -21.61
N SER B 155 36.44 11.47 -21.75
CA SER B 155 37.63 11.81 -22.53
C SER B 155 37.42 11.56 -24.02
N GLU B 156 36.46 10.72 -24.38
CA GLU B 156 36.19 10.40 -25.77
C GLU B 156 34.72 10.02 -25.93
N SER B 157 34.17 10.33 -27.09
CA SER B 157 32.76 10.06 -27.33
C SER B 157 32.55 8.57 -27.57
N VAL B 158 31.54 8.01 -26.91
CA VAL B 158 31.21 6.59 -27.04
C VAL B 158 29.99 6.47 -27.95
N SER B 159 30.12 5.63 -28.99
CA SER B 159 28.99 5.38 -29.87
C SER B 159 28.04 4.39 -29.21
N LEU B 160 26.75 4.69 -29.28
CA LEU B 160 25.72 3.90 -28.61
C LEU B 160 25.03 3.03 -29.64
N ALA B 161 25.06 1.71 -29.43
CA ALA B 161 24.35 0.80 -30.29
C ALA B 161 22.85 1.05 -30.19
N LYS B 162 22.17 0.98 -31.32
CA LYS B 162 20.73 1.22 -31.37
C LYS B 162 19.97 -0.05 -30.99
N THR B 163 18.91 0.12 -30.20
CA THR B 163 17.98 -0.96 -29.92
C THR B 163 16.93 -1.02 -31.04
N THR B 164 16.08 -2.04 -30.96
CA THR B 164 15.11 -2.32 -32.02
C THR B 164 13.72 -2.46 -31.44
N PRO B 165 12.69 -2.34 -32.28
CA PRO B 165 11.31 -2.35 -31.75
C PRO B 165 10.97 -3.59 -30.95
N ASP B 166 11.52 -4.75 -31.32
CA ASP B 166 11.21 -6.00 -30.65
C ASP B 166 11.90 -6.14 -29.30
N GLN B 167 12.79 -5.22 -28.95
CA GLN B 167 13.53 -5.33 -27.70
C GLN B 167 12.72 -4.75 -26.55
N PRO B 168 13.04 -5.12 -25.31
CA PRO B 168 12.31 -4.56 -24.16
C PRO B 168 12.64 -3.09 -23.94
N ALA B 169 11.61 -2.34 -23.54
CA ALA B 169 11.76 -0.95 -23.12
C ALA B 169 11.76 -0.78 -21.62
N TYR B 170 10.93 -1.54 -20.91
CA TYR B 170 10.90 -1.51 -19.45
C TYR B 170 10.18 -2.74 -18.94
N ILE B 171 10.46 -3.10 -17.69
CA ILE B 171 9.82 -4.24 -17.03
C ILE B 171 9.15 -3.75 -15.76
N ILE B 172 7.83 -3.99 -15.66
CA ILE B 172 7.04 -3.59 -14.51
C ILE B 172 6.80 -4.82 -13.62
N TYR B 173 7.11 -4.69 -12.34
CA TYR B 173 6.76 -5.68 -11.33
C TYR B 173 5.55 -5.22 -10.53
N THR B 174 4.72 -6.18 -10.11
CA THR B 174 3.42 -5.87 -9.53
C THR B 174 3.49 -4.71 -8.55
N SER B 175 4.55 -4.65 -7.74
CA SER B 175 4.84 -3.57 -6.80
C SER B 175 4.03 -3.75 -5.52
N GLY B 176 3.14 -4.73 -5.43
CA GLY B 176 2.46 -5.02 -4.17
C GLY B 176 3.41 -5.73 -3.24
N SER B 177 3.38 -5.35 -1.97
CA SER B 177 4.33 -5.86 -0.99
C SER B 177 3.99 -7.29 -0.59
N THR B 178 4.98 -8.00 -0.04
CA THR B 178 4.78 -9.32 0.56
C THR B 178 4.23 -10.33 -0.44
N GLY B 179 4.89 -10.46 -1.59
CA GLY B 179 4.56 -11.53 -2.52
C GLY B 179 5.70 -11.88 -3.44
N LYS B 180 5.53 -13.00 -4.16
CA LYS B 180 6.51 -13.41 -5.18
C LYS B 180 6.46 -12.45 -6.36
N PRO B 181 7.61 -12.15 -6.99
CA PRO B 181 7.63 -11.13 -8.04
C PRO B 181 7.18 -11.63 -9.40
N LYS B 182 6.51 -10.75 -10.15
CA LYS B 182 6.01 -11.02 -11.49
C LYS B 182 6.35 -9.84 -12.39
N GLY B 183 7.33 -10.01 -13.27
CA GLY B 183 7.76 -8.94 -14.16
C GLY B 183 7.08 -9.00 -15.51
N ILE B 184 6.49 -7.89 -15.92
CA ILE B 184 5.81 -7.75 -17.20
C ILE B 184 6.76 -7.07 -18.19
N VAL B 185 7.02 -7.72 -19.32
CA VAL B 185 7.97 -7.22 -20.31
C VAL B 185 7.21 -6.42 -21.36
N ILE B 186 7.44 -5.12 -21.39
CA ILE B 186 6.89 -4.23 -22.41
C ILE B 186 7.99 -3.94 -23.42
N THR B 187 7.67 -4.09 -24.71
CA THR B 187 8.64 -3.86 -25.77
C THR B 187 8.60 -2.40 -26.22
N GLN B 188 9.67 -1.99 -26.92
CA GLN B 188 9.70 -0.65 -27.52
C GLN B 188 8.49 -0.43 -28.42
N LYS B 189 8.14 -1.43 -29.22
CA LYS B 189 6.98 -1.32 -30.11
C LYS B 189 5.70 -1.07 -29.30
N ASN B 190 5.48 -1.86 -28.26
CA ASN B 190 4.30 -1.70 -27.43
C ASN B 190 4.12 -0.26 -27.00
N ILE B 191 5.16 0.31 -26.37
CA ILE B 191 5.00 1.60 -25.70
C ILE B 191 4.99 2.74 -26.72
N CYS B 192 5.82 2.67 -27.77
CA CYS B 192 5.76 3.71 -28.80
C CYS B 192 4.37 3.77 -29.42
N HIS B 193 3.81 2.60 -29.75
CA HIS B 193 2.46 2.58 -30.29
C HIS B 193 1.47 3.15 -29.29
N PHE B 194 1.55 2.74 -28.02
CA PHE B 194 0.60 3.25 -27.05
C PHE B 194 0.67 4.77 -26.98
N LEU B 195 1.87 5.33 -26.90
CA LEU B 195 2.00 6.78 -26.79
C LEU B 195 1.28 7.46 -27.94
N ARG B 196 1.59 7.07 -29.18
CA ARG B 196 0.93 7.73 -30.32
C ARG B 196 -0.58 7.51 -30.27
N SER B 197 -1.01 6.28 -29.96
CA SER B 197 -2.43 5.94 -29.99
C SER B 197 -3.22 6.75 -28.97
N GLU B 198 -2.78 6.75 -27.71
CA GLU B 198 -3.54 7.46 -26.69
C GLU B 198 -3.46 8.96 -26.90
N ASN B 199 -2.30 9.50 -27.31
CA ASN B 199 -2.24 10.95 -27.46
C ASN B 199 -3.07 11.43 -28.64
N SER B 200 -3.31 10.57 -29.65
CA SER B 200 -4.19 10.99 -30.73
C SER B 200 -5.59 11.37 -30.21
N ILE B 201 -5.97 10.88 -29.05
CA ILE B 201 -7.28 11.19 -28.46
C ILE B 201 -7.16 12.18 -27.31
N LEU B 202 -6.21 11.97 -26.40
CA LEU B 202 -6.05 12.89 -25.29
C LEU B 202 -5.67 14.28 -25.78
N GLY B 203 -4.71 14.34 -26.71
CA GLY B 203 -4.32 15.61 -27.28
C GLY B 203 -3.43 16.46 -26.39
N ILE B 204 -2.48 15.83 -25.69
CA ILE B 204 -1.49 16.61 -24.96
C ILE B 204 -0.67 17.40 -25.96
N GLN B 205 -0.45 18.68 -25.66
CA GLN B 205 0.18 19.60 -26.60
C GLN B 205 1.50 20.12 -26.03
N GLU B 206 2.30 20.70 -26.93
CA GLU B 206 3.60 21.23 -26.53
C GLU B 206 3.45 22.37 -25.53
N GLN B 207 2.36 23.12 -25.62
CA GLN B 207 2.12 24.26 -24.74
C GLN B 207 1.70 23.85 -23.33
N ASP B 208 1.41 22.58 -23.11
CA ASP B 208 0.86 22.15 -21.82
C ASP B 208 1.93 22.13 -20.73
N LYS B 209 1.47 22.29 -19.49
CA LYS B 209 2.29 22.14 -18.30
C LYS B 209 1.69 20.99 -17.48
N VAL B 210 2.42 19.89 -17.38
CA VAL B 210 1.88 18.62 -16.93
C VAL B 210 2.38 18.33 -15.52
N TYR B 211 1.46 17.96 -14.63
CA TYR B 211 1.82 17.52 -13.29
C TYR B 211 2.41 16.11 -13.36
N GLN B 212 3.53 15.91 -12.68
CA GLN B 212 4.24 14.62 -12.65
C GLN B 212 4.28 14.14 -11.20
N GLY B 213 3.23 13.44 -10.79
CA GLY B 213 3.08 13.06 -9.40
C GLY B 213 3.10 11.57 -9.15
N PHE B 214 3.17 10.76 -10.20
CA PHE B 214 3.13 9.31 -10.04
C PHE B 214 4.52 8.73 -9.88
N SER B 215 4.63 7.72 -9.02
CA SER B 215 5.86 6.94 -8.91
C SER B 215 6.18 6.26 -10.23
N VAL B 216 7.48 6.16 -10.53
CA VAL B 216 7.91 5.52 -11.78
C VAL B 216 7.57 4.04 -11.82
N ALA B 217 7.12 3.47 -10.70
CA ALA B 217 6.72 2.06 -10.67
C ALA B 217 5.29 1.85 -11.16
N PHE B 218 4.56 2.91 -11.49
CA PHE B 218 3.17 2.81 -11.89
C PHE B 218 3.01 3.13 -13.37
N ASP B 219 2.06 2.46 -14.01
CA ASP B 219 1.82 2.65 -15.43
C ASP B 219 1.59 4.13 -15.75
N MET B 220 0.73 4.79 -14.97
CA MET B 220 0.31 6.14 -15.32
C MET B 220 1.45 7.14 -15.33
N SER B 221 2.57 6.84 -14.68
CA SER B 221 3.73 7.71 -14.79
C SER B 221 4.10 7.92 -16.25
N PHE B 222 4.03 6.86 -17.06
CA PHE B 222 4.28 7.00 -18.49
C PHE B 222 3.36 8.07 -19.09
N GLU B 223 2.05 7.96 -18.81
CA GLU B 223 1.13 8.95 -19.35
C GLU B 223 1.54 10.36 -18.94
N GLU B 224 2.08 10.51 -17.73
CA GLU B 224 2.57 11.82 -17.30
C GLU B 224 3.83 12.19 -18.06
N ILE B 225 4.79 11.27 -18.10
CA ILE B 225 6.13 11.63 -18.58
C ILE B 225 6.19 11.57 -20.11
N TRP B 226 5.98 10.38 -20.66
CA TRP B 226 6.38 10.15 -22.04
C TRP B 226 5.43 10.78 -23.03
N LEU B 227 4.12 10.77 -22.77
CA LEU B 227 3.22 11.60 -23.58
C LEU B 227 3.77 13.01 -23.68
N SER B 228 4.21 13.58 -22.55
CA SER B 228 4.80 14.91 -22.60
C SER B 228 6.02 14.92 -23.51
N TYR B 229 6.95 13.97 -23.29
CA TYR B 229 8.12 13.90 -24.15
C TYR B 229 7.71 13.80 -25.61
N LEU B 230 6.58 13.14 -25.89
CA LEU B 230 6.18 12.95 -27.28
C LEU B 230 5.96 14.28 -27.98
N VAL B 231 5.39 15.26 -27.27
CA VAL B 231 5.01 16.53 -27.90
C VAL B 231 5.82 17.71 -27.38
N GLY B 232 6.67 17.51 -26.38
CA GLY B 232 7.48 18.59 -25.86
C GLY B 232 6.83 19.39 -24.76
N ALA B 233 5.85 18.83 -24.06
CA ALA B 233 5.24 19.54 -22.95
C ALA B 233 6.21 19.63 -21.78
N THR B 234 5.87 20.51 -20.82
CA THR B 234 6.69 20.74 -19.64
C THR B 234 6.14 19.96 -18.45
N LEU B 235 7.04 19.33 -17.69
CA LEU B 235 6.68 18.52 -16.54
C LEU B 235 7.03 19.25 -15.26
N TRP B 236 6.07 19.27 -14.32
CA TRP B 236 6.27 19.82 -12.98
C TRP B 236 6.32 18.66 -12.00
N ILE B 237 7.49 18.40 -11.44
CA ILE B 237 7.75 17.18 -10.69
C ILE B 237 7.39 17.41 -9.23
N ALA B 238 6.43 16.63 -8.74
CA ALA B 238 5.96 16.76 -7.36
C ALA B 238 6.98 16.16 -6.39
N PRO B 239 7.22 16.81 -5.25
CA PRO B 239 8.00 16.16 -4.20
C PRO B 239 7.14 15.13 -3.47
N LYS B 240 7.82 14.24 -2.74
CA LYS B 240 7.13 13.17 -2.04
C LYS B 240 6.08 13.73 -1.09
N SER B 241 6.43 14.79 -0.35
CA SER B 241 5.52 15.34 0.64
C SER B 241 4.19 15.75 0.01
N LEU B 242 4.22 16.20 -1.25
CA LEU B 242 3.01 16.69 -1.89
C LEU B 242 2.07 15.56 -2.29
N VAL B 243 2.61 14.37 -2.57
CA VAL B 243 1.79 13.32 -3.17
C VAL B 243 0.71 12.81 -2.23
N SER B 244 0.87 13.00 -0.92
CA SER B 244 -0.09 12.50 0.06
C SER B 244 -0.92 13.61 0.69
N ASP B 245 -0.94 14.80 0.09
CA ASP B 245 -1.60 15.98 0.65
C ASP B 245 -2.52 16.59 -0.40
N PRO B 246 -3.74 16.05 -0.55
CA PRO B 246 -4.61 16.51 -1.64
C PRO B 246 -4.98 17.98 -1.61
N GLU B 247 -5.30 18.55 -0.44
CA GLU B 247 -5.64 19.98 -0.39
C GLU B 247 -4.47 20.83 -0.86
N ARG B 248 -3.27 20.52 -0.36
CA ARG B 248 -2.09 21.27 -0.77
C ARG B 248 -1.81 21.09 -2.25
N LEU B 249 -2.00 19.88 -2.79
CA LEU B 249 -1.84 19.66 -4.23
C LEU B 249 -2.84 20.48 -5.02
N CYS B 250 -4.09 20.51 -4.57
CA CYS B 250 -5.09 21.34 -5.23
C CYS B 250 -4.63 22.78 -5.31
N GLN B 251 -4.03 23.28 -4.23
CA GLN B 251 -3.56 24.67 -4.27
C GLN B 251 -2.33 24.83 -5.18
N THR B 252 -1.39 23.87 -5.11
CA THR B 252 -0.18 23.95 -5.92
C THR B 252 -0.50 23.95 -7.41
N LEU B 253 -1.43 23.09 -7.84
CA LEU B 253 -1.81 23.06 -9.23
C LEU B 253 -2.33 24.40 -9.70
N LYS B 254 -3.01 25.13 -8.83
CA LYS B 254 -3.51 26.45 -9.17
C LYS B 254 -2.37 27.45 -9.26
N GLN B 255 -1.50 27.46 -8.24
CA GLN B 255 -0.41 28.43 -8.21
C GLN B 255 0.54 28.24 -9.40
N GLU B 256 0.86 26.99 -9.72
CA GLU B 256 1.83 26.69 -10.76
C GLU B 256 1.23 26.66 -12.16
N GLN B 257 -0.06 26.97 -12.31
CA GLN B 257 -0.71 27.05 -13.62
C GLN B 257 -0.57 25.74 -14.39
N ILE B 258 -0.82 24.62 -13.70
CA ILE B 258 -0.81 23.32 -14.35
C ILE B 258 -2.02 23.22 -15.28
N THR B 259 -1.82 22.59 -16.44
CA THR B 259 -2.89 22.45 -17.42
C THR B 259 -3.31 21.00 -17.67
N VAL B 260 -2.53 20.02 -17.21
CA VAL B 260 -2.85 18.61 -17.44
C VAL B 260 -2.62 17.84 -16.15
N LEU B 261 -3.62 17.06 -15.74
CA LEU B 261 -3.55 16.26 -14.52
C LEU B 261 -3.91 14.82 -14.86
N HIS B 262 -2.97 13.91 -14.63
CA HIS B 262 -3.25 12.48 -14.60
C HIS B 262 -3.33 12.04 -13.14
N ALA B 263 -4.40 11.33 -12.79
CA ALA B 263 -4.63 10.97 -11.39
C ALA B 263 -5.66 9.84 -11.31
N VAL B 264 -6.01 9.47 -10.10
CA VAL B 264 -7.05 8.47 -9.86
C VAL B 264 -8.26 9.16 -9.23
N PRO B 265 -9.47 8.59 -9.33
CA PRO B 265 -10.66 9.30 -8.86
C PRO B 265 -10.63 9.68 -7.38
N THR B 266 -10.07 8.85 -6.50
CA THR B 266 -10.08 9.17 -5.07
C THR B 266 -9.31 10.46 -4.79
N LEU B 267 -8.17 10.64 -5.45
CA LEU B 267 -7.37 11.84 -5.25
C LEU B 267 -8.15 13.07 -5.68
N LEU B 268 -8.74 13.03 -6.88
CA LEU B 268 -9.51 14.17 -7.35
C LEU B 268 -10.70 14.43 -6.44
N ALA B 269 -11.34 13.37 -5.94
CA ALA B 269 -12.47 13.53 -5.05
C ALA B 269 -12.08 14.20 -3.74
N LEU B 270 -10.79 14.25 -3.42
CA LEU B 270 -10.38 14.95 -2.20
C LEU B 270 -9.96 16.40 -2.43
N PHE B 271 -10.12 16.93 -3.65
CA PHE B 271 -9.83 18.34 -3.90
C PHE B 271 -10.96 19.22 -3.37
N PRO B 272 -10.68 20.23 -2.54
CA PRO B 272 -11.77 21.06 -2.02
C PRO B 272 -12.36 22.01 -3.05
N GLU B 273 -11.54 22.60 -3.92
CA GLU B 273 -11.99 23.56 -4.91
C GLU B 273 -11.75 23.02 -6.32
N ASP B 274 -12.31 23.72 -7.30
CA ASP B 274 -12.01 23.45 -8.70
C ASP B 274 -10.64 24.03 -9.05
N VAL B 275 -9.97 23.38 -9.99
CA VAL B 275 -8.72 23.89 -10.55
C VAL B 275 -9.04 24.36 -11.96
N PRO B 276 -9.38 25.64 -12.16
CA PRO B 276 -10.03 26.02 -13.42
C PRO B 276 -9.15 25.92 -14.64
N ASN B 277 -7.83 26.09 -14.51
CA ASN B 277 -6.95 26.14 -15.67
C ASN B 277 -6.42 24.77 -16.08
N LEU B 278 -7.13 23.69 -15.74
CA LEU B 278 -6.76 22.34 -16.17
C LEU B 278 -7.46 22.02 -17.49
N ARG B 279 -6.69 22.03 -18.59
CA ARG B 279 -7.22 21.60 -19.88
C ARG B 279 -7.76 20.18 -19.80
N ILE B 280 -6.90 19.24 -19.42
CA ILE B 280 -7.18 17.81 -19.48
C ILE B 280 -7.15 17.24 -18.08
N ILE B 281 -8.08 16.33 -17.80
CA ILE B 281 -8.08 15.53 -16.58
C ILE B 281 -8.24 14.07 -17.02
N ASN B 282 -7.17 13.28 -16.85
CA ASN B 282 -7.18 11.86 -17.22
C ASN B 282 -7.19 11.04 -15.94
N LEU B 283 -8.32 10.39 -15.67
CA LEU B 283 -8.49 9.57 -14.49
C LEU B 283 -8.33 8.09 -14.86
N GLY B 284 -7.27 7.46 -14.35
CA GLY B 284 -7.09 6.05 -14.46
C GLY B 284 -7.35 5.33 -13.15
N GLY B 285 -6.99 4.05 -13.14
CA GLY B 285 -7.10 3.23 -11.95
C GLY B 285 -8.44 2.53 -11.79
N GLU B 286 -9.53 3.29 -11.77
CA GLU B 286 -10.85 2.70 -11.61
C GLU B 286 -11.88 3.60 -12.28
N MET B 287 -13.05 3.04 -12.55
CA MET B 287 -14.14 3.83 -13.10
C MET B 287 -14.47 5.00 -12.20
N CYS B 288 -14.78 6.13 -12.83
CA CYS B 288 -15.10 7.35 -12.11
C CYS B 288 -16.54 7.28 -11.61
N PRO B 289 -16.80 7.63 -10.35
CA PRO B 289 -18.19 7.62 -9.87
C PRO B 289 -18.97 8.81 -10.42
N ASP B 290 -20.29 8.62 -10.50
CA ASP B 290 -21.15 9.62 -11.12
C ASP B 290 -21.04 10.97 -10.43
N SER B 291 -20.98 10.98 -9.10
CA SER B 291 -20.91 12.24 -8.36
C SER B 291 -19.67 13.05 -8.76
N LEU B 292 -18.54 12.37 -8.94
CA LEU B 292 -17.31 13.08 -9.31
C LEU B 292 -17.42 13.65 -10.72
N VAL B 293 -18.06 12.93 -11.64
CA VAL B 293 -18.32 13.48 -12.97
C VAL B 293 -19.19 14.72 -12.85
N ASP B 294 -20.27 14.64 -12.09
CA ASP B 294 -21.14 15.80 -11.89
C ASP B 294 -20.36 16.98 -11.34
N ARG B 295 -19.33 16.71 -10.54
CA ARG B 295 -18.58 17.78 -9.91
C ARG B 295 -17.54 18.39 -10.85
N TRP B 296 -16.90 17.58 -11.70
CA TRP B 296 -15.74 18.03 -12.46
C TRP B 296 -15.92 18.07 -13.97
N ALA B 297 -17.00 17.48 -14.51
CA ALA B 297 -17.21 17.48 -15.97
C ALA B 297 -17.84 18.82 -16.38
N LEU B 298 -17.03 19.86 -16.28
CA LEU B 298 -17.43 21.23 -16.54
C LEU B 298 -16.98 21.69 -17.93
N PRO B 299 -17.57 22.76 -18.46
CA PRO B 299 -17.24 23.17 -19.83
C PRO B 299 -15.77 23.43 -20.06
N HIS B 300 -15.03 23.90 -19.06
CA HIS B 300 -13.62 24.22 -19.20
C HIS B 300 -12.71 23.05 -18.83
N HIS B 301 -13.27 21.85 -18.67
CA HIS B 301 -12.48 20.65 -18.41
C HIS B 301 -12.81 19.60 -19.46
N GLN B 302 -11.76 18.97 -20.01
CA GLN B 302 -11.90 17.74 -20.76
C GLN B 302 -11.54 16.60 -19.82
N MET B 303 -12.55 15.87 -19.37
CA MET B 303 -12.39 14.86 -18.32
C MET B 303 -12.46 13.48 -18.96
N PHE B 304 -11.40 12.70 -18.80
CA PHE B 304 -11.28 11.39 -19.41
C PHE B 304 -11.17 10.31 -18.33
N ASN B 305 -11.50 9.08 -18.73
CA ASN B 305 -11.41 7.91 -17.87
C ASN B 305 -10.77 6.81 -18.68
N THR B 306 -9.58 6.36 -18.27
CA THR B 306 -8.83 5.35 -19.00
C THR B 306 -8.84 4.04 -18.24
N TYR B 307 -8.99 2.93 -18.98
CA TYR B 307 -8.99 1.59 -18.43
C TYR B 307 -7.99 0.73 -19.18
N GLY B 308 -7.32 -0.16 -18.46
CA GLY B 308 -6.43 -1.12 -19.08
C GLY B 308 -5.42 -1.71 -18.12
N PRO B 309 -5.06 -2.98 -18.33
CA PRO B 309 -4.06 -3.61 -17.47
C PRO B 309 -2.64 -3.30 -17.94
N THR B 310 -1.70 -3.49 -17.01
CA THR B 310 -0.28 -3.31 -17.34
C THR B 310 0.12 -4.18 -18.52
N GLU B 311 -0.50 -5.36 -18.66
CA GLU B 311 -0.09 -6.32 -19.67
C GLU B 311 -0.42 -5.90 -21.10
N THR B 312 -1.16 -4.80 -21.29
CA THR B 312 -1.41 -4.25 -22.62
C THR B 312 -0.97 -2.80 -22.71
N THR B 313 0.05 -2.43 -21.94
CA THR B 313 0.71 -1.14 -22.05
C THR B 313 -0.18 0.01 -21.58
N VAL B 314 -0.16 0.27 -20.28
CA VAL B 314 -0.65 1.50 -19.67
C VAL B 314 -2.17 1.58 -19.73
N SER B 315 -2.73 1.73 -20.93
CA SER B 315 -4.17 1.84 -21.11
C SER B 315 -4.59 1.07 -22.35
N ALA B 316 -5.86 0.67 -22.37
CA ALA B 316 -6.44 -0.07 -23.48
C ALA B 316 -7.74 0.54 -24.01
N SER B 317 -8.47 1.31 -23.20
CA SER B 317 -9.69 1.96 -23.64
C SER B 317 -9.82 3.29 -22.92
N LEU B 318 -10.60 4.19 -23.52
CA LEU B 318 -10.68 5.57 -23.06
C LEU B 318 -12.09 6.08 -23.26
N GLU B 319 -12.60 6.80 -22.27
CA GLU B 319 -13.96 7.33 -22.28
C GLU B 319 -13.93 8.81 -21.95
N LEU B 320 -14.69 9.61 -22.70
CA LEU B 320 -14.89 11.01 -22.36
C LEU B 320 -16.07 11.10 -21.39
N LEU B 321 -15.81 11.64 -20.20
CA LEU B 321 -16.84 11.75 -19.18
C LEU B 321 -17.66 13.02 -19.39
N GLU B 322 -18.97 12.91 -19.18
CA GLU B 322 -19.88 14.02 -19.37
C GLU B 322 -21.02 13.90 -18.40
N ARG B 323 -21.45 15.04 -17.85
CA ARG B 323 -22.56 15.05 -16.91
C ARG B 323 -23.82 14.52 -17.57
N GLY B 324 -24.43 13.52 -16.93
CA GLY B 324 -25.63 12.89 -17.44
C GLY B 324 -25.41 11.64 -18.27
N LYS B 325 -24.21 11.46 -18.84
CA LYS B 325 -23.91 10.28 -19.62
C LYS B 325 -23.41 9.16 -18.70
N PRO B 326 -24.01 7.97 -18.73
CA PRO B 326 -23.53 6.90 -17.86
C PRO B 326 -22.08 6.57 -18.14
N VAL B 327 -21.33 6.27 -17.09
CA VAL B 327 -19.90 6.02 -17.20
C VAL B 327 -19.66 4.60 -17.70
N THR B 328 -18.80 4.47 -18.70
CA THR B 328 -18.32 3.17 -19.17
C THR B 328 -16.83 3.28 -19.41
N ILE B 329 -16.20 2.15 -19.75
CA ILE B 329 -14.77 2.17 -20.09
C ILE B 329 -14.50 2.74 -21.46
N GLY B 330 -15.53 3.14 -22.20
CA GLY B 330 -15.33 3.74 -23.51
C GLY B 330 -15.01 2.71 -24.57
N LYS B 331 -14.46 3.20 -25.68
CA LYS B 331 -14.07 2.33 -26.78
C LYS B 331 -12.56 2.13 -26.78
N PRO B 332 -12.09 1.03 -27.37
CA PRO B 332 -10.65 0.77 -27.38
C PRO B 332 -9.87 1.91 -28.00
N LEU B 333 -8.62 2.05 -27.56
CA LEU B 333 -7.72 3.01 -28.17
C LEU B 333 -7.44 2.60 -29.61
N PRO B 334 -7.00 3.54 -30.45
CA PRO B 334 -6.70 3.19 -31.84
C PRO B 334 -5.81 1.96 -31.95
N ASN B 335 -6.24 1.01 -32.77
CA ASN B 335 -5.54 -0.24 -33.09
C ASN B 335 -5.62 -1.24 -31.95
N TYR B 336 -6.22 -0.89 -30.81
CA TYR B 336 -6.56 -1.90 -29.81
C TYR B 336 -7.86 -2.59 -30.20
N GLY B 337 -8.11 -3.74 -29.56
CA GLY B 337 -9.36 -4.44 -29.76
C GLY B 337 -9.73 -5.27 -28.55
N MET B 338 -11.02 -5.55 -28.43
CA MET B 338 -11.54 -6.28 -27.28
C MET B 338 -12.56 -7.30 -27.73
N LEU B 339 -12.58 -8.45 -27.05
CA LEU B 339 -13.58 -9.48 -27.30
C LEU B 339 -13.81 -10.26 -26.00
N VAL B 340 -14.69 -11.26 -26.09
CA VAL B 340 -15.10 -12.03 -24.91
C VAL B 340 -15.06 -13.52 -25.24
N ILE B 341 -14.52 -14.30 -24.31
CA ILE B 341 -14.43 -15.75 -24.48
C ILE B 341 -15.05 -16.44 -23.27
N ASN B 342 -15.13 -17.77 -23.36
CA ASN B 342 -15.61 -18.58 -22.24
C ASN B 342 -14.43 -19.37 -21.65
N SER B 343 -14.75 -20.31 -20.75
CA SER B 343 -13.71 -21.06 -20.05
C SER B 343 -12.84 -21.88 -20.99
N GLU B 344 -13.32 -22.18 -22.20
CA GLU B 344 -12.59 -23.03 -23.13
C GLU B 344 -12.13 -22.25 -24.36
N ARG B 345 -11.86 -20.95 -24.20
CA ARG B 345 -11.26 -20.13 -25.25
C ARG B 345 -12.11 -20.19 -26.53
N GLU B 346 -13.40 -19.92 -26.37
CA GLU B 346 -14.34 -19.88 -27.49
C GLU B 346 -14.99 -18.50 -27.54
N LEU B 347 -15.05 -17.93 -28.74
CA LEU B 347 -15.61 -16.59 -28.90
C LEU B 347 -17.11 -16.61 -28.64
N LEU B 348 -17.57 -15.71 -27.78
CA LEU B 348 -18.98 -15.63 -27.41
C LEU B 348 -19.75 -14.70 -28.34
N GLU B 349 -21.02 -15.01 -28.56
CA GLU B 349 -21.90 -14.15 -29.31
C GLU B 349 -22.20 -12.88 -28.52
N GLN B 350 -22.60 -11.83 -29.24
CA GLN B 350 -22.92 -10.57 -28.61
C GLN B 350 -24.02 -10.74 -27.57
N GLY B 351 -23.76 -10.25 -26.36
CA GLY B 351 -24.71 -10.28 -25.26
C GLY B 351 -24.34 -11.26 -24.15
N GLU B 352 -23.57 -12.30 -24.48
CA GLU B 352 -23.19 -13.29 -23.49
C GLU B 352 -22.00 -12.80 -22.66
N THR B 353 -21.93 -13.30 -21.42
CA THR B 353 -20.91 -12.88 -20.48
C THR B 353 -19.74 -13.86 -20.49
N GLY B 354 -18.54 -13.32 -20.40
CA GLY B 354 -17.35 -14.14 -20.37
C GLY B 354 -16.14 -13.35 -19.94
N GLU B 355 -14.96 -13.90 -20.20
CA GLU B 355 -13.72 -13.23 -19.89
C GLU B 355 -13.38 -12.23 -20.99
N LEU B 356 -13.07 -11.00 -20.57
CA LEU B 356 -12.66 -9.95 -21.48
C LEU B 356 -11.21 -10.16 -21.90
N CYS B 357 -10.97 -10.12 -23.21
CA CYS B 357 -9.64 -10.26 -23.77
C CYS B 357 -9.33 -9.03 -24.63
N ILE B 358 -8.05 -8.67 -24.67
CA ILE B 358 -7.56 -7.50 -25.37
C ILE B 358 -6.50 -7.95 -26.37
N PHE B 359 -6.52 -7.35 -27.56
CA PHE B 359 -5.50 -7.63 -28.57
C PHE B 359 -5.08 -6.32 -29.23
N GLY B 360 -4.02 -6.42 -30.03
CA GLY B 360 -3.44 -5.27 -30.68
C GLY B 360 -1.93 -5.24 -30.49
N PRO B 361 -1.25 -4.29 -31.15
CA PRO B 361 0.21 -4.25 -31.09
C PRO B 361 0.78 -3.86 -29.74
N SER B 362 -0.05 -3.53 -28.76
CA SER B 362 0.43 -3.14 -27.43
C SER B 362 0.28 -4.27 -26.41
N VAL B 363 -0.07 -5.47 -26.84
CA VAL B 363 -0.07 -6.62 -25.93
C VAL B 363 1.37 -6.97 -25.59
N ALA B 364 1.66 -7.07 -24.29
CA ALA B 364 3.03 -7.22 -23.83
C ALA B 364 3.63 -8.53 -24.35
N GLN B 365 4.96 -8.60 -24.28
CA GLN B 365 5.66 -9.83 -24.62
C GLN B 365 5.22 -10.99 -23.74
N GLY B 366 4.96 -10.71 -22.46
CA GLY B 366 4.57 -11.72 -21.50
C GLY B 366 5.20 -11.45 -20.16
N TYR B 367 5.23 -12.48 -19.32
CA TYR B 367 5.85 -12.40 -18.01
C TYR B 367 7.28 -12.93 -18.08
N LEU B 368 8.20 -12.21 -17.45
CA LEU B 368 9.62 -12.52 -17.58
C LEU B 368 9.93 -13.88 -16.94
N GLY B 369 10.53 -14.77 -17.73
CA GLY B 369 11.01 -16.03 -17.21
C GLY B 369 9.95 -16.94 -16.65
N ARG B 370 8.69 -16.73 -17.02
CA ARG B 370 7.57 -17.53 -16.55
C ARG B 370 6.72 -17.96 -17.74
N PRO B 371 7.23 -18.87 -18.57
CA PRO B 371 6.50 -19.25 -19.79
C PRO B 371 5.20 -19.97 -19.49
N ASP B 372 5.12 -20.69 -18.36
CA ASP B 372 3.87 -21.33 -17.97
C ASP B 372 2.74 -20.31 -17.84
N LEU B 373 2.94 -19.31 -16.98
CA LEU B 373 1.91 -18.30 -16.76
C LEU B 373 1.70 -17.46 -18.02
N THR B 374 2.77 -17.16 -18.75
CA THR B 374 2.64 -16.41 -19.99
C THR B 374 1.72 -17.14 -20.97
N ALA B 375 1.99 -18.43 -21.19
CA ALA B 375 1.18 -19.21 -22.12
C ALA B 375 -0.25 -19.37 -21.61
N ASP B 376 -0.44 -19.36 -20.29
CA ASP B 376 -1.80 -19.45 -19.78
C ASP B 376 -2.57 -18.14 -19.97
N LYS B 377 -1.88 -16.99 -19.91
CA LYS B 377 -2.53 -15.70 -19.97
C LYS B 377 -2.43 -15.01 -21.33
N PHE B 378 -1.43 -15.36 -22.14
CA PHE B 378 -1.27 -14.80 -23.48
C PHE B 378 -1.47 -15.94 -24.48
N ILE B 379 -2.58 -15.90 -25.21
CA ILE B 379 -3.02 -17.01 -26.05
C ILE B 379 -3.12 -16.56 -27.49
N GLU B 380 -3.17 -17.56 -28.39
CA GLU B 380 -3.37 -17.29 -29.79
C GLU B 380 -4.76 -16.71 -30.04
N ASN B 381 -4.85 -15.80 -31.02
CA ASN B 381 -6.12 -15.23 -31.42
C ASN B 381 -6.56 -15.88 -32.72
N PRO B 382 -7.44 -16.90 -32.69
CA PRO B 382 -7.88 -17.51 -33.95
C PRO B 382 -8.65 -16.58 -34.86
N TRP B 383 -9.08 -15.42 -34.36
CA TRP B 383 -9.94 -14.50 -35.11
C TRP B 383 -9.24 -13.20 -35.44
N ALA B 384 -7.91 -13.21 -35.49
CA ALA B 384 -7.15 -12.01 -35.82
C ALA B 384 -7.34 -11.64 -37.29
N MET B 385 -7.55 -10.36 -37.55
CA MET B 385 -7.66 -9.83 -38.90
C MET B 385 -6.36 -9.22 -39.39
N SER B 386 -5.29 -9.28 -38.59
CA SER B 386 -4.00 -8.78 -38.99
C SER B 386 -2.93 -9.43 -38.13
N VAL B 387 -1.67 -9.28 -38.54
CA VAL B 387 -0.57 -9.87 -37.78
C VAL B 387 -0.45 -9.21 -36.41
N GLU B 388 -0.92 -7.96 -36.28
CA GLU B 388 -0.83 -7.24 -35.02
C GLU B 388 -1.90 -7.66 -34.02
N GLU B 389 -2.83 -8.53 -34.40
CA GLU B 389 -3.93 -8.95 -33.54
C GLU B 389 -3.84 -10.43 -33.15
N GLU B 390 -2.70 -11.06 -33.37
CA GLU B 390 -2.59 -12.51 -33.20
C GLU B 390 -2.42 -12.96 -31.76
N LEU B 391 -2.45 -12.04 -30.79
CA LEU B 391 -2.16 -12.38 -29.40
C LEU B 391 -3.21 -11.76 -28.49
N LEU B 392 -3.95 -12.60 -27.78
CA LEU B 392 -4.97 -12.16 -26.83
C LEU B 392 -4.42 -12.24 -25.42
N TYR B 393 -4.58 -11.15 -24.66
CA TYR B 393 -4.32 -11.16 -23.23
C TYR B 393 -5.64 -11.34 -22.50
N ARG B 394 -5.67 -12.33 -21.60
CA ARG B 394 -6.85 -12.66 -20.82
C ARG B 394 -6.81 -11.82 -19.53
N THR B 395 -7.73 -10.86 -19.41
CA THR B 395 -7.67 -9.91 -18.31
C THR B 395 -8.04 -10.54 -16.97
N GLY B 396 -8.88 -11.57 -16.99
CA GLY B 396 -9.48 -12.07 -15.78
C GLY B 396 -10.70 -11.32 -15.32
N ASP B 397 -11.16 -10.33 -16.09
CA ASP B 397 -12.37 -9.57 -15.77
C ASP B 397 -13.55 -10.13 -16.54
N LEU B 398 -14.72 -10.14 -15.91
CA LEU B 398 -15.94 -10.48 -16.63
C LEU B 398 -16.43 -9.28 -17.42
N ALA B 399 -17.06 -9.55 -18.56
CA ALA B 399 -17.59 -8.47 -19.37
C ALA B 399 -18.61 -9.03 -20.34
N LYS B 400 -19.44 -8.12 -20.84
CA LYS B 400 -20.36 -8.43 -21.93
C LYS B 400 -20.43 -7.22 -22.85
N ILE B 401 -20.83 -7.45 -24.09
CA ILE B 401 -20.83 -6.44 -25.13
C ILE B 401 -22.24 -5.95 -25.37
N ASP B 402 -22.44 -4.65 -25.30
CA ASP B 402 -23.74 -4.04 -25.52
C ASP B 402 -24.26 -4.38 -26.91
N GLU B 403 -25.56 -4.18 -27.11
CA GLU B 403 -26.12 -4.26 -28.46
C GLU B 403 -25.66 -3.11 -29.34
N PHE B 404 -25.04 -2.08 -28.77
CA PHE B 404 -24.50 -0.96 -29.54
C PHE B 404 -22.98 -1.01 -29.62
N GLY B 405 -22.37 -2.14 -29.27
CA GLY B 405 -20.92 -2.28 -29.37
C GLY B 405 -20.12 -1.77 -28.21
N GLN B 406 -20.72 -1.58 -27.04
CA GLN B 406 -20.01 -1.07 -25.87
C GLN B 406 -19.69 -2.23 -24.93
N VAL B 407 -18.47 -2.24 -24.42
CA VAL B 407 -18.03 -3.24 -23.44
C VAL B 407 -18.48 -2.81 -22.06
N HIS B 408 -18.94 -3.77 -21.26
CA HIS B 408 -19.35 -3.53 -19.88
C HIS B 408 -18.65 -4.56 -19.00
N CYS B 409 -17.86 -4.08 -18.05
CA CYS B 409 -17.17 -4.96 -17.11
C CYS B 409 -18.10 -5.38 -15.98
N LEU B 410 -17.86 -6.60 -15.45
CA LEU B 410 -18.71 -7.17 -14.42
C LEU B 410 -17.89 -7.83 -13.32
N GLY B 411 -16.73 -7.28 -13.00
CA GLY B 411 -15.92 -7.83 -11.93
C GLY B 411 -14.95 -8.91 -12.37
N ARG B 412 -14.46 -9.65 -11.39
CA ARG B 412 -13.42 -10.66 -11.57
C ARG B 412 -14.04 -12.04 -11.75
N ALA B 413 -13.27 -12.94 -12.37
CA ALA B 413 -13.69 -14.31 -12.65
C ALA B 413 -13.90 -15.16 -11.41
N ASP B 414 -13.62 -14.64 -10.22
CA ASP B 414 -13.84 -15.39 -8.98
C ASP B 414 -14.56 -14.53 -7.95
#